data_8SS0
#
_entry.id   8SS0
#
_cell.length_a   145.803
_cell.length_b   145.803
_cell.length_c   261.161
_cell.angle_alpha   90.00
_cell.angle_beta   90.00
_cell.angle_gamma   120.00
#
_symmetry.space_group_name_H-M   'P 62 2 2'
#
loop_
_entity.id
_entity.type
_entity.pdbx_description
1 polymer 'Lanosterol 14-alpha demethylase'
2 non-polymer 'PROTOPORPHYRIN IX CONTAINING FE'
3 non-polymer 3beta-hydroxy-10alpha,13alpha-lanosta-8,24-dien-30-al
4 water water
#
_entity_poly.entity_id   1
_entity_poly.type   'polypeptide(L)'
_entity_poly.pdbx_seq_one_letter_code
;MAKKTSSKGKLPPYIFSPIPFLGHAIAFGKSPIEFLENAYEKYGPVFSFTMVGKTFTYLLGSDAAALLFNSKNEDLNAED
VYSRLTTPVFGKGVAYDVPNPVFLEQKKMLKSGLNIAHFKQHVSIIEKETKEYFESWGESGEKNVFEALSELIILTASHC
LHGKEIRSQLNEKVAQLYADLAGGFSHAAWLLPGWLPLPSFRRRDRAHREIKDIFYKAIQKRRQSQEKIDDILQTLLDAT
YKDGRPLTDDEVAGMLIGLLLAGQATSSTTSAWMGFFLARDKTLQKKCYLEQKTVCGENLPPLTYDQLKDLNLLDRCIKE
TLRLRPPIMIMMRMARTPQTVAGYTIPPGHQVCVSPTVNQRLKDSWVERLDFNPDRYLQDNPASGEKFAYVPFGAGRHRC
IGENFAYVQIKTIWSTMLRLYEFDLIDGYFPTVNYTTMIHTPENPVIRYKRRSKHHHH
;
_entity_poly.pdbx_strand_id   A,B
#
# COMPACT_ATOMS: atom_id res chain seq x y z
N LYS A 8 -29.58 -28.45 17.48
CA LYS A 8 -30.57 -29.57 17.59
C LYS A 8 -32.00 -29.05 17.44
N GLY A 9 -32.32 -27.90 18.09
CA GLY A 9 -33.67 -27.49 18.41
C GLY A 9 -34.39 -26.73 17.28
N LYS A 10 -34.18 -25.43 17.21
CA LYS A 10 -35.15 -24.52 16.60
C LYS A 10 -34.68 -24.04 15.23
N LEU A 11 -35.52 -24.24 14.21
CA LEU A 11 -35.25 -23.77 12.87
C LEU A 11 -35.58 -22.27 12.75
N PRO A 12 -34.86 -21.55 11.86
CA PRO A 12 -35.15 -20.14 11.61
C PRO A 12 -36.54 -20.01 11.02
N PRO A 13 -37.17 -18.83 11.20
CA PRO A 13 -38.50 -18.58 10.67
C PRO A 13 -38.52 -18.88 9.17
N TYR A 14 -39.60 -19.54 8.73
CA TYR A 14 -39.77 -19.93 7.32
C TYR A 14 -40.77 -19.00 6.65
N ILE A 15 -40.49 -18.65 5.40
CA ILE A 15 -41.36 -17.77 4.65
C ILE A 15 -42.22 -18.61 3.70
N PHE A 16 -43.53 -18.57 3.96
CA PHE A 16 -44.52 -19.26 3.14
C PHE A 16 -44.45 -18.80 1.69
N SER A 17 -44.50 -19.77 0.76
CA SER A 17 -44.81 -19.50 -0.63
C SER A 17 -46.02 -20.30 -1.08
N PRO A 18 -46.97 -19.68 -1.80
CA PRO A 18 -48.10 -20.43 -2.37
C PRO A 18 -47.71 -21.31 -3.57
N ILE A 19 -46.50 -21.15 -4.15
CA ILE A 19 -46.12 -21.94 -5.30
C ILE A 19 -45.47 -23.24 -4.83
N PRO A 20 -46.09 -24.41 -5.10
CA PRO A 20 -45.65 -25.67 -4.49
C PRO A 20 -44.16 -26.03 -4.57
N PHE A 21 -43.49 -26.05 -5.71
CA PHE A 21 -42.11 -26.51 -5.59
C PHE A 21 -41.12 -25.41 -5.95
N LEU A 22 -41.56 -24.55 -6.85
CA LEU A 22 -40.79 -23.40 -7.25
C LEU A 22 -40.49 -22.53 -6.03
N GLY A 23 -41.48 -22.35 -5.16
CA GLY A 23 -41.32 -21.47 -4.01
C GLY A 23 -41.18 -20.02 -4.46
N HIS A 24 -40.16 -19.33 -3.96
CA HIS A 24 -39.95 -17.92 -4.27
C HIS A 24 -38.99 -17.70 -5.45
N ALA A 25 -38.63 -18.76 -6.17
CA ALA A 25 -37.66 -18.70 -7.25
C ALA A 25 -37.95 -17.54 -8.20
N ILE A 26 -39.21 -17.33 -8.61
CA ILE A 26 -39.47 -16.30 -9.60
C ILE A 26 -39.31 -14.92 -8.97
N ALA A 27 -39.96 -14.64 -7.85
CA ALA A 27 -39.92 -13.30 -7.28
C ALA A 27 -38.49 -12.88 -6.90
N PHE A 28 -37.74 -13.79 -6.26
CA PHE A 28 -36.35 -13.53 -5.91
C PHE A 28 -35.54 -13.23 -7.18
N GLY A 29 -35.63 -14.11 -8.18
CA GLY A 29 -34.91 -13.97 -9.43
C GLY A 29 -35.14 -12.61 -10.08
N LYS A 30 -36.34 -12.05 -9.90
CA LYS A 30 -36.74 -10.85 -10.59
C LYS A 30 -36.24 -9.63 -9.85
N SER A 31 -36.26 -9.69 -8.51
CA SER A 31 -35.90 -8.56 -7.68
C SER A 31 -35.34 -9.02 -6.34
N PRO A 32 -34.10 -9.54 -6.29
CA PRO A 32 -33.58 -10.21 -5.11
C PRO A 32 -33.44 -9.30 -3.89
N ILE A 33 -33.12 -8.03 -4.14
CA ILE A 33 -32.71 -7.16 -3.05
C ILE A 33 -33.97 -6.72 -2.31
N GLU A 34 -34.92 -6.21 -3.08
CA GLU A 34 -36.27 -5.85 -2.65
C GLU A 34 -36.84 -6.98 -1.80
N PHE A 35 -36.67 -8.20 -2.30
CA PHE A 35 -37.21 -9.39 -1.65
C PHE A 35 -36.58 -9.55 -0.27
N LEU A 36 -35.25 -9.57 -0.22
CA LEU A 36 -34.56 -9.85 1.03
C LEU A 36 -34.76 -8.70 2.02
N GLU A 37 -34.93 -7.47 1.52
CA GLU A 37 -35.21 -6.34 2.40
C GLU A 37 -36.54 -6.51 3.11
N ASN A 38 -37.57 -6.81 2.30
CA ASN A 38 -38.92 -7.13 2.77
C ASN A 38 -38.89 -8.31 3.76
N ALA A 39 -38.09 -9.32 3.44
CA ALA A 39 -37.97 -10.47 4.32
C ALA A 39 -37.39 -10.06 5.67
N TYR A 40 -36.49 -9.07 5.69
CA TYR A 40 -35.76 -8.70 6.90
C TYR A 40 -36.67 -7.90 7.82
N GLU A 41 -37.53 -7.08 7.21
CA GLU A 41 -38.48 -6.31 8.00
C GLU A 41 -39.50 -7.23 8.66
N LYS A 42 -39.91 -8.31 7.99
CA LYS A 42 -41.01 -9.13 8.50
C LYS A 42 -40.51 -10.30 9.31
N TYR A 43 -39.32 -10.83 9.04
CA TYR A 43 -38.88 -12.04 9.71
C TYR A 43 -37.61 -11.80 10.50
N GLY A 44 -37.03 -10.59 10.37
CA GLY A 44 -35.79 -10.28 11.06
C GLY A 44 -34.56 -10.76 10.30
N PRO A 45 -33.40 -10.93 10.97
CA PRO A 45 -32.13 -11.23 10.31
C PRO A 45 -31.77 -12.65 9.88
N VAL A 46 -32.57 -13.66 10.27
CA VAL A 46 -32.27 -15.04 9.96
C VAL A 46 -33.57 -15.72 9.57
N PHE A 47 -33.63 -16.22 8.34
CA PHE A 47 -34.84 -16.88 7.88
C PHE A 47 -34.51 -17.88 6.79
N SER A 48 -35.51 -18.70 6.48
CA SER A 48 -35.46 -19.67 5.41
C SER A 48 -36.66 -19.51 4.49
N PHE A 49 -36.44 -19.89 3.23
CA PHE A 49 -37.52 -20.06 2.26
C PHE A 49 -37.13 -21.11 1.23
N THR A 50 -38.11 -21.56 0.45
CA THR A 50 -37.85 -22.58 -0.55
C THR A 50 -37.74 -21.88 -1.89
N MET A 51 -36.76 -22.36 -2.66
CA MET A 51 -36.67 -22.10 -4.09
C MET A 51 -36.37 -23.42 -4.80
N VAL A 52 -37.22 -23.79 -5.76
CA VAL A 52 -36.98 -24.94 -6.63
C VAL A 52 -36.63 -26.13 -5.75
N GLY A 53 -37.53 -26.39 -4.79
CA GLY A 53 -37.52 -27.61 -4.00
C GLY A 53 -36.33 -27.70 -3.05
N LYS A 54 -35.66 -26.56 -2.79
CA LYS A 54 -34.50 -26.51 -1.93
C LYS A 54 -34.69 -25.43 -0.88
N THR A 55 -34.00 -25.60 0.23
CA THR A 55 -34.16 -24.68 1.34
C THR A 55 -32.93 -23.79 1.38
N PHE A 56 -33.20 -22.49 1.54
CA PHE A 56 -32.22 -21.44 1.58
C PHE A 56 -32.35 -20.68 2.90
N THR A 57 -31.25 -20.56 3.65
CA THR A 57 -31.24 -19.72 4.83
C THR A 57 -30.29 -18.53 4.66
N TYR A 58 -30.84 -17.33 4.85
CA TYR A 58 -30.07 -16.11 4.71
C TYR A 58 -29.73 -15.56 6.08
N LEU A 59 -28.53 -14.98 6.18
CA LEU A 59 -28.01 -14.35 7.38
C LEU A 59 -27.78 -12.88 7.06
N LEU A 60 -28.70 -12.01 7.50
CA LEU A 60 -28.61 -10.59 7.23
C LEU A 60 -28.16 -9.83 8.48
N GLY A 61 -27.53 -8.67 8.22
CA GLY A 61 -26.79 -7.91 9.21
C GLY A 61 -25.52 -8.64 9.60
N SER A 62 -24.69 -7.96 10.40
CA SER A 62 -23.33 -8.34 10.66
C SER A 62 -23.24 -9.54 11.59
N ASP A 63 -24.06 -9.51 12.65
CA ASP A 63 -23.99 -10.50 13.71
C ASP A 63 -24.32 -11.88 13.15
N ALA A 64 -25.33 -11.96 12.29
CA ALA A 64 -25.70 -13.24 11.70
C ALA A 64 -24.68 -13.67 10.65
N ALA A 65 -24.34 -12.74 9.77
CA ALA A 65 -23.44 -13.01 8.66
C ALA A 65 -22.12 -13.58 9.17
N ALA A 66 -21.77 -13.24 10.41
CA ALA A 66 -20.54 -13.70 11.01
C ALA A 66 -20.45 -15.24 11.00
N LEU A 67 -21.58 -15.93 11.06
CA LEU A 67 -21.56 -17.39 11.07
C LEU A 67 -20.89 -17.89 9.79
N LEU A 68 -21.27 -17.28 8.67
CA LEU A 68 -20.77 -17.73 7.38
C LEU A 68 -19.31 -17.32 7.21
N PHE A 69 -19.03 -16.06 7.55
CA PHE A 69 -17.70 -15.51 7.35
C PHE A 69 -16.66 -16.24 8.21
N ASN A 70 -17.02 -16.59 9.46
CA ASN A 70 -16.09 -17.26 10.37
C ASN A 70 -16.09 -18.77 10.18
N SER A 71 -16.79 -19.28 9.17
CA SER A 71 -16.99 -20.70 9.03
C SER A 71 -15.77 -21.40 8.41
N LYS A 72 -15.54 -22.67 8.79
CA LYS A 72 -14.60 -23.54 8.10
C LYS A 72 -15.30 -24.14 6.88
N ASN A 73 -14.57 -24.48 5.83
CA ASN A 73 -15.19 -24.96 4.61
C ASN A 73 -15.80 -26.36 4.83
N GLU A 74 -15.29 -27.10 5.83
CA GLU A 74 -15.74 -28.44 6.18
C GLU A 74 -17.20 -28.40 6.62
N ASP A 75 -17.62 -27.25 7.17
CA ASP A 75 -18.93 -27.09 7.80
C ASP A 75 -19.89 -26.32 6.88
N LEU A 76 -19.44 -25.18 6.37
CA LEU A 76 -20.16 -24.46 5.32
C LEU A 76 -19.30 -24.48 4.06
N ASN A 77 -19.71 -25.33 3.11
CA ASN A 77 -18.91 -25.69 1.95
C ASN A 77 -19.26 -24.85 0.73
N ALA A 78 -18.24 -24.26 0.11
CA ALA A 78 -18.45 -23.32 -0.97
C ALA A 78 -18.69 -24.07 -2.28
N GLU A 79 -17.83 -25.05 -2.56
CA GLU A 79 -17.79 -25.70 -3.86
C GLU A 79 -19.08 -26.48 -4.09
N ASP A 80 -19.70 -26.96 -3.01
CA ASP A 80 -20.98 -27.66 -3.09
C ASP A 80 -22.00 -26.81 -3.83
N VAL A 81 -21.94 -25.49 -3.65
CA VAL A 81 -22.87 -24.59 -4.32
C VAL A 81 -22.25 -24.06 -5.61
N TYR A 82 -20.98 -23.67 -5.55
CA TYR A 82 -20.39 -22.83 -6.58
C TYR A 82 -20.00 -23.62 -7.83
N SER A 83 -19.74 -24.94 -7.68
CA SER A 83 -19.20 -25.76 -8.75
C SER A 83 -20.12 -25.75 -9.98
N ARG A 84 -21.43 -25.72 -9.73
CA ARG A 84 -22.44 -25.55 -10.77
C ARG A 84 -22.16 -24.31 -11.61
N LEU A 85 -21.81 -23.19 -10.96
CA LEU A 85 -21.74 -21.91 -11.65
C LEU A 85 -20.40 -21.75 -12.36
N THR A 86 -19.31 -22.14 -11.70
CA THR A 86 -17.98 -21.76 -12.15
C THR A 86 -17.26 -22.87 -12.90
N THR A 87 -17.69 -24.12 -12.76
CA THR A 87 -16.97 -25.20 -13.40
C THR A 87 -17.24 -25.18 -14.91
N PRO A 88 -18.47 -24.87 -15.39
CA PRO A 88 -18.71 -24.58 -16.83
C PRO A 88 -17.99 -23.37 -17.41
N VAL A 89 -17.47 -22.52 -16.54
CA VAL A 89 -16.90 -21.24 -16.95
C VAL A 89 -15.37 -21.35 -16.98
N PHE A 90 -14.77 -21.92 -15.95
CA PHE A 90 -13.33 -22.05 -15.84
C PHE A 90 -12.84 -23.39 -16.38
N GLY A 91 -13.71 -24.40 -16.38
CA GLY A 91 -13.33 -25.76 -16.76
C GLY A 91 -12.86 -26.60 -15.57
N LYS A 92 -12.50 -27.85 -15.86
CA LYS A 92 -12.18 -28.81 -14.81
C LYS A 92 -10.86 -28.46 -14.12
N GLY A 93 -10.59 -29.07 -12.97
CA GLY A 93 -9.27 -29.10 -12.39
C GLY A 93 -8.89 -27.85 -11.59
N VAL A 94 -9.73 -26.81 -11.61
CA VAL A 94 -9.41 -25.56 -10.94
C VAL A 94 -10.64 -25.05 -10.17
N ALA A 95 -10.38 -24.25 -9.13
CA ALA A 95 -11.47 -23.59 -8.37
C ALA A 95 -12.41 -24.59 -7.72
N TYR A 96 -13.73 -24.34 -7.78
CA TYR A 96 -14.70 -25.19 -7.06
C TYR A 96 -14.88 -26.57 -7.70
N ASP A 97 -14.07 -26.91 -8.70
CA ASP A 97 -14.15 -28.26 -9.23
C ASP A 97 -13.12 -29.20 -8.58
N VAL A 98 -12.48 -28.75 -7.49
CA VAL A 98 -11.47 -29.54 -6.81
C VAL A 98 -11.62 -29.33 -5.31
N PRO A 99 -11.09 -30.24 -4.47
CA PRO A 99 -11.00 -30.00 -3.02
C PRO A 99 -10.38 -28.65 -2.66
N ASN A 100 -10.83 -28.11 -1.53
CA ASN A 100 -10.43 -26.80 -1.06
C ASN A 100 -8.92 -26.72 -0.85
N PRO A 101 -8.24 -27.78 -0.32
CA PRO A 101 -6.78 -27.77 -0.21
C PRO A 101 -6.01 -27.55 -1.52
N VAL A 102 -6.57 -28.05 -2.64
CA VAL A 102 -6.01 -27.84 -3.96
C VAL A 102 -6.26 -26.41 -4.42
N PHE A 103 -7.52 -25.96 -4.33
CA PHE A 103 -7.91 -24.60 -4.68
C PHE A 103 -7.12 -23.57 -3.87
N LEU A 104 -6.78 -23.89 -2.61
CA LEU A 104 -5.95 -23.04 -1.75
C LEU A 104 -4.53 -22.90 -2.31
N GLU A 105 -4.01 -23.97 -2.90
CA GLU A 105 -2.70 -23.95 -3.51
C GLU A 105 -2.70 -23.02 -4.73
N GLN A 106 -3.71 -23.20 -5.58
CA GLN A 106 -3.88 -22.37 -6.76
C GLN A 106 -3.99 -20.90 -6.36
N LYS A 107 -4.77 -20.62 -5.32
CA LYS A 107 -5.01 -19.26 -4.85
C LYS A 107 -3.68 -18.56 -4.57
N LYS A 108 -2.70 -19.30 -4.04
CA LYS A 108 -1.40 -18.75 -3.67
C LYS A 108 -0.53 -18.51 -4.90
N MET A 109 -0.65 -19.37 -5.91
CA MET A 109 0.06 -19.14 -7.16
C MET A 109 -0.30 -17.76 -7.68
N LEU A 110 -1.61 -17.50 -7.77
CA LEU A 110 -2.13 -16.29 -8.41
C LEU A 110 -1.83 -15.04 -7.58
N LYS A 111 -1.54 -15.22 -6.30
CA LYS A 111 -1.24 -14.11 -5.41
C LYS A 111 0.19 -13.63 -5.65
N SER A 112 1.02 -14.46 -6.32
CA SER A 112 2.40 -14.12 -6.58
C SER A 112 2.53 -12.82 -7.39
N GLY A 113 1.59 -12.58 -8.32
CA GLY A 113 1.65 -11.41 -9.17
C GLY A 113 1.17 -10.12 -8.50
N LEU A 114 0.74 -10.20 -7.23
CA LEU A 114 -0.09 -9.16 -6.63
C LEU A 114 0.63 -8.57 -5.42
N ASN A 115 1.49 -7.57 -5.68
CA ASN A 115 2.28 -6.92 -4.64
C ASN A 115 2.77 -5.60 -5.21
N ILE A 116 3.32 -4.75 -4.32
CA ILE A 116 3.73 -3.40 -4.67
C ILE A 116 4.66 -3.40 -5.90
N ALA A 117 5.53 -4.41 -6.00
CA ALA A 117 6.48 -4.51 -7.11
C ALA A 117 5.76 -4.42 -8.45
N HIS A 118 4.77 -5.29 -8.64
CA HIS A 118 4.01 -5.34 -9.87
C HIS A 118 3.07 -4.15 -10.01
N PHE A 119 2.46 -3.70 -8.91
CA PHE A 119 1.48 -2.63 -8.99
C PHE A 119 2.15 -1.39 -9.57
N LYS A 120 3.43 -1.22 -9.24
CA LYS A 120 4.21 -0.07 -9.67
C LYS A 120 4.28 -0.03 -11.20
N GLN A 121 4.49 -1.19 -11.82
CA GLN A 121 4.47 -1.31 -13.27
C GLN A 121 3.03 -1.20 -13.80
N HIS A 122 2.06 -1.79 -13.10
CA HIS A 122 0.67 -1.82 -13.57
C HIS A 122 0.19 -0.40 -13.89
N VAL A 123 0.49 0.57 -13.02
CA VAL A 123 -0.16 1.88 -13.11
C VAL A 123 0.11 2.51 -14.47
N SER A 124 1.30 2.30 -15.04
CA SER A 124 1.71 2.87 -16.33
C SER A 124 1.01 2.14 -17.47
N ILE A 125 1.02 0.81 -17.39
CA ILE A 125 0.30 -0.01 -18.35
C ILE A 125 -1.14 0.50 -18.46
N ILE A 126 -1.78 0.64 -17.30
CA ILE A 126 -3.21 0.89 -17.28
C ILE A 126 -3.44 2.28 -17.87
N GLU A 127 -2.61 3.24 -17.47
CA GLU A 127 -2.85 4.61 -17.87
C GLU A 127 -2.76 4.72 -19.38
N LYS A 128 -1.85 3.92 -19.96
CA LYS A 128 -1.57 4.02 -21.38
C LYS A 128 -2.69 3.37 -22.18
N GLU A 129 -3.01 2.13 -21.82
CA GLU A 129 -4.11 1.37 -22.39
C GLU A 129 -5.40 2.18 -22.41
N THR A 130 -5.65 2.91 -21.31
CA THR A 130 -6.85 3.70 -21.13
C THR A 130 -6.83 4.84 -22.14
N LYS A 131 -5.69 5.50 -22.21
CA LYS A 131 -5.60 6.74 -22.98
C LYS A 131 -5.71 6.38 -24.45
N GLU A 132 -5.01 5.30 -24.81
CA GLU A 132 -5.10 4.70 -26.13
C GLU A 132 -6.54 4.38 -26.46
N TYR A 133 -7.21 3.62 -25.58
CA TYR A 133 -8.58 3.16 -25.83
C TYR A 133 -9.51 4.34 -26.11
N PHE A 134 -9.49 5.38 -25.26
CA PHE A 134 -10.48 6.43 -25.33
C PHE A 134 -10.17 7.51 -26.36
N GLU A 135 -9.14 7.32 -27.21
CA GLU A 135 -8.96 8.18 -28.38
C GLU A 135 -10.20 8.12 -29.26
N SER A 136 -10.70 6.90 -29.49
CA SER A 136 -11.85 6.65 -30.33
C SER A 136 -13.09 7.40 -29.87
N TRP A 137 -13.09 8.02 -28.69
CA TRP A 137 -14.25 8.78 -28.22
C TRP A 137 -14.16 10.25 -28.67
N GLY A 138 -12.97 10.69 -29.13
CA GLY A 138 -12.79 12.06 -29.56
C GLY A 138 -13.26 13.07 -28.51
N GLU A 139 -13.68 14.26 -28.94
CA GLU A 139 -13.76 15.38 -28.02
C GLU A 139 -15.04 15.34 -27.18
N SER A 140 -16.12 14.79 -27.73
CA SER A 140 -17.40 14.85 -27.03
C SER A 140 -18.40 13.88 -27.67
N GLY A 141 -19.50 13.60 -26.92
CA GLY A 141 -20.55 12.72 -27.40
C GLY A 141 -21.40 12.12 -26.27
N GLU A 142 -22.11 11.06 -26.64
CA GLU A 142 -22.94 10.28 -25.74
C GLU A 142 -22.64 8.83 -26.08
N LYS A 143 -22.07 8.07 -25.15
CA LYS A 143 -21.69 6.72 -25.48
C LYS A 143 -21.94 5.78 -24.30
N ASN A 144 -21.84 4.50 -24.61
CA ASN A 144 -22.05 3.44 -23.64
C ASN A 144 -20.76 3.17 -22.87
N VAL A 145 -20.71 3.67 -21.63
CA VAL A 145 -19.50 3.64 -20.83
C VAL A 145 -19.23 2.23 -20.28
N PHE A 146 -20.28 1.41 -20.10
CA PHE A 146 -20.12 0.06 -19.57
C PHE A 146 -19.50 -0.86 -20.61
N GLU A 147 -19.89 -0.69 -21.87
CA GLU A 147 -19.31 -1.45 -22.95
C GLU A 147 -17.84 -1.07 -23.10
N ALA A 148 -17.55 0.21 -22.91
CA ALA A 148 -16.20 0.71 -23.11
C ALA A 148 -15.26 0.10 -22.06
N LEU A 149 -15.69 0.18 -20.79
CA LEU A 149 -14.88 -0.28 -19.67
C LEU A 149 -14.71 -1.79 -19.72
N SER A 150 -15.75 -2.51 -20.16
CA SER A 150 -15.71 -3.95 -20.35
C SER A 150 -14.60 -4.30 -21.34
N GLU A 151 -14.50 -3.52 -22.42
CA GLU A 151 -13.51 -3.75 -23.46
C GLU A 151 -12.12 -3.41 -22.93
N LEU A 152 -12.01 -2.20 -22.37
CA LEU A 152 -10.77 -1.66 -21.88
C LEU A 152 -10.15 -2.54 -20.80
N ILE A 153 -10.97 -3.00 -19.85
CA ILE A 153 -10.49 -3.74 -18.70
C ILE A 153 -10.12 -5.17 -19.10
N ILE A 154 -10.61 -5.66 -20.23
CA ILE A 154 -10.03 -6.87 -20.79
C ILE A 154 -8.57 -6.59 -21.11
N LEU A 155 -8.32 -5.40 -21.65
CA LEU A 155 -6.99 -5.09 -22.13
C LEU A 155 -6.10 -4.82 -20.93
N THR A 156 -6.58 -4.02 -19.97
CA THR A 156 -5.77 -3.67 -18.83
C THR A 156 -5.51 -4.89 -17.95
N ALA A 157 -6.55 -5.69 -17.71
CA ALA A 157 -6.39 -6.80 -16.81
C ALA A 157 -5.43 -7.85 -17.39
N SER A 158 -5.60 -8.17 -18.67
CA SER A 158 -4.75 -9.18 -19.33
C SER A 158 -3.30 -8.69 -19.39
N HIS A 159 -3.14 -7.41 -19.71
CA HIS A 159 -1.82 -6.81 -19.74
C HIS A 159 -1.15 -6.95 -18.37
N CYS A 160 -1.85 -6.49 -17.33
CA CYS A 160 -1.30 -6.38 -15.98
C CYS A 160 -1.10 -7.76 -15.34
N LEU A 161 -2.09 -8.64 -15.44
CA LEU A 161 -2.07 -9.89 -14.69
C LEU A 161 -1.47 -11.02 -15.53
N HIS A 162 -1.71 -10.99 -16.84
CA HIS A 162 -1.34 -12.11 -17.70
C HIS A 162 -0.03 -11.87 -18.44
N GLY A 163 0.36 -10.59 -18.60
CA GLY A 163 1.63 -10.25 -19.22
C GLY A 163 1.43 -9.65 -20.60
N LYS A 164 2.51 -9.15 -21.19
CA LYS A 164 2.44 -8.45 -22.46
C LYS A 164 2.20 -9.46 -23.60
N GLU A 165 2.73 -10.68 -23.45
CA GLU A 165 2.60 -11.63 -24.53
C GLU A 165 1.12 -11.97 -24.70
N ILE A 166 0.49 -12.44 -23.62
CA ILE A 166 -0.91 -12.84 -23.71
C ILE A 166 -1.75 -11.68 -24.22
N ARG A 167 -1.49 -10.48 -23.68
CA ARG A 167 -2.25 -9.28 -23.97
C ARG A 167 -2.32 -9.03 -25.47
N SER A 168 -1.22 -9.35 -26.17
CA SER A 168 -1.03 -9.05 -27.57
C SER A 168 -1.88 -9.96 -28.45
N GLN A 169 -2.30 -11.11 -27.90
CA GLN A 169 -3.14 -12.04 -28.64
C GLN A 169 -4.62 -11.81 -28.33
N LEU A 170 -4.95 -10.95 -27.36
CA LEU A 170 -6.34 -10.66 -27.03
C LEU A 170 -6.76 -9.36 -27.70
N ASN A 171 -8.06 -9.10 -27.76
CA ASN A 171 -8.52 -7.79 -28.22
C ASN A 171 -9.92 -7.54 -27.65
N GLU A 172 -10.56 -6.47 -28.12
CA GLU A 172 -11.83 -6.01 -27.55
C GLU A 172 -12.99 -6.95 -27.90
N LYS A 173 -12.84 -7.84 -28.89
CA LYS A 173 -13.88 -8.80 -29.22
C LYS A 173 -14.01 -9.82 -28.09
N VAL A 174 -12.96 -9.94 -27.28
CA VAL A 174 -12.91 -10.91 -26.20
C VAL A 174 -13.79 -10.47 -25.03
N ALA A 175 -14.09 -9.16 -24.95
CA ALA A 175 -15.04 -8.69 -23.97
C ALA A 175 -16.36 -9.45 -24.14
N GLN A 176 -16.77 -9.61 -25.40
CA GLN A 176 -18.02 -10.26 -25.73
C GLN A 176 -17.97 -11.75 -25.37
N LEU A 177 -16.82 -12.41 -25.48
CA LEU A 177 -16.70 -13.73 -24.88
C LEU A 177 -17.05 -13.64 -23.40
N TYR A 178 -16.42 -12.69 -22.71
CA TYR A 178 -16.47 -12.60 -21.26
C TYR A 178 -17.85 -12.18 -20.75
N ALA A 179 -18.60 -11.41 -21.53
CA ALA A 179 -19.97 -11.09 -21.18
C ALA A 179 -20.79 -12.37 -21.10
N ASP A 180 -20.49 -13.31 -22.01
CA ASP A 180 -21.23 -14.54 -22.09
C ASP A 180 -20.72 -15.52 -21.04
N LEU A 181 -19.45 -15.45 -20.67
CA LEU A 181 -18.98 -16.21 -19.53
C LEU A 181 -19.70 -15.76 -18.25
N ALA A 182 -19.69 -14.45 -18.00
CA ALA A 182 -20.35 -13.86 -16.85
C ALA A 182 -21.86 -14.06 -16.92
N GLY A 183 -22.38 -14.20 -18.14
CA GLY A 183 -23.78 -14.49 -18.35
C GLY A 183 -24.21 -15.82 -17.71
N GLY A 184 -23.24 -16.69 -17.38
CA GLY A 184 -23.53 -17.96 -16.74
C GLY A 184 -23.64 -17.87 -15.22
N PHE A 185 -23.47 -16.65 -14.68
CA PHE A 185 -23.65 -16.41 -13.27
C PHE A 185 -25.04 -15.82 -13.06
N SER A 186 -26.06 -16.67 -13.18
CA SER A 186 -27.43 -16.20 -13.18
C SER A 186 -28.25 -16.99 -12.15
N HIS A 187 -29.34 -16.36 -11.71
CA HIS A 187 -30.34 -17.04 -10.91
C HIS A 187 -30.56 -18.43 -11.48
N ALA A 188 -30.94 -18.50 -12.76
CA ALA A 188 -31.26 -19.74 -13.44
C ALA A 188 -30.17 -20.78 -13.26
N ALA A 189 -28.92 -20.37 -13.45
CA ALA A 189 -27.78 -21.27 -13.48
C ALA A 189 -27.48 -21.77 -12.08
N TRP A 190 -27.77 -20.89 -11.12
CA TRP A 190 -27.64 -21.17 -9.70
C TRP A 190 -28.59 -22.32 -9.29
N LEU A 191 -29.85 -22.31 -9.78
CA LEU A 191 -30.94 -23.12 -9.24
C LEU A 191 -31.33 -24.29 -10.15
N LEU A 192 -30.88 -24.31 -11.41
CA LEU A 192 -31.35 -25.30 -12.38
C LEU A 192 -30.17 -26.13 -12.88
N PRO A 193 -30.40 -27.40 -13.31
CA PRO A 193 -29.35 -28.19 -13.95
C PRO A 193 -29.00 -27.57 -15.30
N GLY A 194 -27.75 -27.67 -15.77
CA GLY A 194 -27.33 -26.94 -16.96
C GLY A 194 -27.79 -27.53 -18.29
N TRP A 195 -29.12 -27.54 -18.59
CA TRP A 195 -29.68 -27.85 -19.92
C TRP A 195 -30.71 -26.81 -20.45
N LEU A 196 -30.24 -25.60 -20.87
CA LEU A 196 -31.00 -24.38 -21.25
C LEU A 196 -30.16 -23.44 -22.14
N PRO A 197 -30.59 -22.20 -22.54
CA PRO A 197 -29.85 -21.37 -23.51
C PRO A 197 -28.65 -20.51 -23.05
N LEU A 198 -27.83 -21.11 -22.17
CA LEU A 198 -26.51 -20.65 -21.75
C LEU A 198 -25.51 -20.94 -22.87
N PRO A 199 -25.04 -19.88 -23.60
CA PRO A 199 -23.95 -19.97 -24.57
C PRO A 199 -22.61 -19.67 -23.93
N SER A 200 -22.54 -19.77 -22.59
CA SER A 200 -21.31 -19.63 -21.83
C SER A 200 -20.35 -20.75 -22.21
N PHE A 201 -20.91 -21.90 -22.59
CA PHE A 201 -20.12 -23.07 -22.95
C PHE A 201 -19.37 -22.81 -24.24
N ARG A 202 -20.03 -22.15 -25.20
CA ARG A 202 -19.37 -21.79 -26.48
C ARG A 202 -18.23 -20.82 -26.19
N ARG A 203 -18.43 -19.92 -25.25
CA ARG A 203 -17.44 -18.90 -24.99
C ARG A 203 -16.31 -19.47 -24.14
N ARG A 204 -16.60 -20.56 -23.44
CA ARG A 204 -15.54 -21.23 -22.70
C ARG A 204 -14.71 -22.03 -23.69
N ASP A 205 -15.35 -22.61 -24.71
CA ASP A 205 -14.64 -23.28 -25.79
C ASP A 205 -13.62 -22.33 -26.41
N ARG A 206 -14.06 -21.10 -26.71
CA ARG A 206 -13.25 -20.11 -27.39
C ARG A 206 -12.13 -19.64 -26.47
N ALA A 207 -12.51 -19.10 -25.30
CA ALA A 207 -11.55 -18.53 -24.36
C ALA A 207 -10.48 -19.54 -23.99
N HIS A 208 -10.86 -20.83 -24.00
CA HIS A 208 -9.95 -21.92 -23.68
C HIS A 208 -8.92 -22.10 -24.80
N ARG A 209 -9.43 -22.22 -26.03
CA ARG A 209 -8.64 -22.35 -27.23
C ARG A 209 -7.63 -21.20 -27.29
N GLU A 210 -8.13 -19.97 -27.15
CA GLU A 210 -7.32 -18.76 -27.17
C GLU A 210 -6.18 -18.83 -26.17
N ILE A 211 -6.49 -19.24 -24.93
CA ILE A 211 -5.49 -19.32 -23.90
C ILE A 211 -4.58 -20.53 -24.19
N LYS A 212 -5.03 -21.51 -25.00
CA LYS A 212 -4.26 -22.74 -25.23
C LYS A 212 -3.15 -22.57 -26.27
N ASP A 213 -3.43 -21.75 -27.30
CA ASP A 213 -2.41 -21.32 -28.25
C ASP A 213 -1.20 -20.78 -27.50
N ILE A 214 -1.48 -20.02 -26.44
CA ILE A 214 -0.45 -19.30 -25.73
C ILE A 214 0.50 -20.27 -25.03
N PHE A 215 0.00 -21.38 -24.47
CA PHE A 215 0.91 -22.34 -23.84
C PHE A 215 1.82 -22.91 -24.92
N TYR A 216 1.21 -23.35 -26.02
CA TYR A 216 1.97 -23.99 -27.09
C TYR A 216 2.95 -23.00 -27.70
N LYS A 217 2.76 -21.69 -27.44
CA LYS A 217 3.70 -20.67 -27.83
C LYS A 217 4.90 -20.65 -26.89
N ALA A 218 4.69 -20.52 -25.58
CA ALA A 218 5.79 -20.57 -24.62
C ALA A 218 6.37 -21.98 -24.62
N ILE A 219 5.54 -23.02 -24.80
CA ILE A 219 5.99 -24.41 -24.79
C ILE A 219 6.81 -24.72 -26.04
N GLN A 220 6.51 -24.08 -27.17
CA GLN A 220 7.35 -24.20 -28.36
C GLN A 220 8.77 -23.75 -28.02
N LYS A 221 8.88 -22.76 -27.12
CA LYS A 221 10.18 -22.32 -26.62
C LYS A 221 10.56 -23.06 -25.33
N ARG A 222 9.58 -23.49 -24.53
CA ARG A 222 9.82 -24.19 -23.26
C ARG A 222 10.77 -25.37 -23.44
N ARG A 223 10.83 -25.93 -24.66
CA ARG A 223 11.65 -27.09 -24.99
C ARG A 223 13.12 -26.82 -24.67
N GLN A 224 13.74 -25.85 -25.35
CA GLN A 224 15.14 -25.50 -25.12
C GLN A 224 15.31 -24.00 -24.86
N SER A 225 14.21 -23.25 -24.79
CA SER A 225 14.23 -21.83 -24.44
C SER A 225 13.62 -21.62 -23.04
N GLN A 226 14.49 -21.62 -22.01
CA GLN A 226 14.07 -21.40 -20.63
C GLN A 226 14.11 -19.89 -20.35
N GLU A 227 12.93 -19.27 -20.26
CA GLU A 227 12.79 -17.82 -20.25
C GLU A 227 13.48 -17.20 -19.05
N LYS A 228 14.39 -16.26 -19.33
CA LYS A 228 14.87 -15.30 -18.34
C LYS A 228 14.29 -13.93 -18.70
N ILE A 229 12.95 -13.90 -18.91
CA ILE A 229 12.11 -12.71 -18.74
C ILE A 229 10.90 -13.08 -17.87
N ASP A 230 10.70 -12.32 -16.78
CA ASP A 230 9.73 -12.65 -15.75
C ASP A 230 8.32 -12.60 -16.33
N ASP A 231 7.56 -13.69 -16.20
CA ASP A 231 6.21 -13.74 -16.76
C ASP A 231 5.25 -14.35 -15.71
N ILE A 232 4.03 -14.72 -16.14
CA ILE A 232 3.00 -15.22 -15.24
C ILE A 232 2.59 -16.63 -15.65
N LEU A 233 2.29 -16.78 -16.94
CA LEU A 233 2.09 -18.10 -17.51
C LEU A 233 3.32 -18.95 -17.18
N GLN A 234 4.50 -18.32 -17.11
CA GLN A 234 5.73 -19.03 -16.77
C GLN A 234 5.59 -19.58 -15.36
N THR A 235 5.20 -18.71 -14.42
CA THR A 235 5.02 -19.14 -13.04
C THR A 235 4.21 -20.44 -12.99
N LEU A 236 3.11 -20.50 -13.76
CA LEU A 236 2.18 -21.62 -13.67
C LEU A 236 2.81 -22.88 -14.26
N LEU A 237 3.41 -22.73 -15.46
CA LEU A 237 4.08 -23.83 -16.13
C LEU A 237 5.26 -24.36 -15.29
N ASP A 238 5.97 -23.44 -14.63
CA ASP A 238 7.15 -23.77 -13.84
C ASP A 238 6.75 -24.36 -12.49
N ALA A 239 5.57 -23.99 -11.96
CA ALA A 239 5.18 -24.33 -10.60
C ALA A 239 4.73 -25.79 -10.50
N THR A 240 4.70 -26.26 -9.25
CA THR A 240 4.29 -27.62 -8.92
C THR A 240 3.44 -27.55 -7.65
N TYR A 241 2.58 -28.55 -7.44
CA TYR A 241 1.76 -28.64 -6.23
C TYR A 241 2.61 -29.03 -5.02
N LYS A 242 1.98 -29.03 -3.85
CA LYS A 242 2.60 -29.48 -2.61
C LYS A 242 3.23 -30.85 -2.82
N ASP A 243 2.42 -31.79 -3.33
CA ASP A 243 2.83 -33.16 -3.50
C ASP A 243 3.93 -33.27 -4.57
N GLY A 244 4.07 -32.23 -5.40
CA GLY A 244 5.15 -32.16 -6.38
C GLY A 244 4.67 -32.16 -7.84
N ARG A 245 3.46 -32.66 -8.13
CA ARG A 245 3.02 -32.89 -9.49
C ARG A 245 2.88 -31.56 -10.24
N PRO A 246 3.22 -31.49 -11.55
CA PRO A 246 3.02 -30.29 -12.35
C PRO A 246 1.60 -30.13 -12.87
N LEU A 247 1.18 -28.86 -13.03
CA LEU A 247 -0.15 -28.52 -13.50
C LEU A 247 -0.29 -28.93 -14.96
N THR A 248 -1.41 -29.56 -15.33
CA THR A 248 -1.65 -29.95 -16.72
C THR A 248 -1.82 -28.68 -17.56
N ASP A 249 -1.78 -28.84 -18.89
CA ASP A 249 -2.04 -27.73 -19.78
C ASP A 249 -3.48 -27.29 -19.59
N ASP A 250 -4.29 -28.18 -19.01
CA ASP A 250 -5.69 -27.89 -18.80
C ASP A 250 -5.88 -27.03 -17.55
N GLU A 251 -5.24 -27.43 -16.45
CA GLU A 251 -5.21 -26.65 -15.22
C GLU A 251 -4.73 -25.22 -15.51
N VAL A 252 -3.61 -25.11 -16.25
CA VAL A 252 -3.01 -23.83 -16.54
C VAL A 252 -4.07 -22.96 -17.22
N ALA A 253 -4.72 -23.52 -18.24
CA ALA A 253 -5.62 -22.77 -19.10
C ALA A 253 -6.80 -22.22 -18.31
N GLY A 254 -7.40 -23.09 -17.50
CA GLY A 254 -8.55 -22.72 -16.69
C GLY A 254 -8.22 -21.57 -15.77
N MET A 255 -7.04 -21.65 -15.16
CA MET A 255 -6.61 -20.65 -14.20
C MET A 255 -6.38 -19.30 -14.86
N LEU A 256 -6.04 -19.30 -16.15
CA LEU A 256 -5.86 -18.04 -16.86
C LEU A 256 -7.21 -17.45 -17.27
N ILE A 257 -8.18 -18.30 -17.62
CA ILE A 257 -9.54 -17.84 -17.87
C ILE A 257 -10.08 -17.16 -16.60
N GLY A 258 -9.93 -17.87 -15.47
CA GLY A 258 -10.40 -17.38 -14.19
C GLY A 258 -9.71 -16.08 -13.75
N LEU A 259 -8.39 -16.03 -13.90
CA LEU A 259 -7.66 -14.83 -13.54
C LEU A 259 -8.18 -13.63 -14.34
N LEU A 260 -8.49 -13.84 -15.62
CA LEU A 260 -8.96 -12.74 -16.45
C LEU A 260 -10.36 -12.29 -16.02
N LEU A 261 -11.26 -13.27 -15.80
CA LEU A 261 -12.60 -12.95 -15.35
C LEU A 261 -12.49 -12.20 -14.03
N ALA A 262 -11.60 -12.69 -13.15
CA ALA A 262 -11.38 -12.10 -11.84
C ALA A 262 -11.04 -10.61 -11.99
N GLY A 263 -10.16 -10.31 -12.95
CA GLY A 263 -9.67 -8.96 -13.16
C GLY A 263 -10.69 -8.04 -13.84
N GLN A 264 -11.73 -8.61 -14.49
CA GLN A 264 -12.51 -7.88 -15.47
C GLN A 264 -13.99 -7.72 -15.07
N ALA A 265 -14.66 -8.82 -14.72
CA ALA A 265 -16.12 -8.86 -14.56
C ALA A 265 -16.62 -7.91 -13.46
N THR A 266 -16.01 -8.04 -12.27
CA THR A 266 -16.38 -7.26 -11.11
C THR A 266 -15.91 -5.81 -11.28
N SER A 267 -14.82 -5.61 -12.01
CA SER A 267 -14.23 -4.27 -12.11
C SER A 267 -15.02 -3.40 -13.08
N SER A 268 -15.47 -4.01 -14.17
CA SER A 268 -16.11 -3.26 -15.24
C SER A 268 -17.50 -2.78 -14.84
N THR A 269 -18.29 -3.61 -14.11
CA THR A 269 -19.58 -3.14 -13.61
C THR A 269 -19.39 -2.06 -12.55
N THR A 270 -18.43 -2.27 -11.63
CA THR A 270 -18.13 -1.29 -10.59
C THR A 270 -17.70 0.05 -11.20
N SER A 271 -16.82 -0.02 -12.22
CA SER A 271 -16.25 1.17 -12.82
C SER A 271 -17.36 1.99 -13.46
N ALA A 272 -18.31 1.29 -14.09
CA ALA A 272 -19.38 1.93 -14.82
C ALA A 272 -20.31 2.67 -13.85
N TRP A 273 -20.62 2.03 -12.72
CA TRP A 273 -21.48 2.62 -11.72
C TRP A 273 -20.85 3.91 -11.20
N MET A 274 -19.55 3.86 -10.86
CA MET A 274 -18.88 5.06 -10.37
C MET A 274 -19.08 6.23 -11.33
N GLY A 275 -18.90 5.94 -12.63
CA GLY A 275 -19.15 6.92 -13.68
C GLY A 275 -20.46 7.69 -13.48
N PHE A 276 -21.52 6.93 -13.19
CA PHE A 276 -22.85 7.48 -13.18
C PHE A 276 -23.10 8.21 -11.87
N PHE A 277 -22.48 7.69 -10.79
CA PHE A 277 -22.60 8.35 -9.51
C PHE A 277 -21.93 9.72 -9.56
N LEU A 278 -20.80 9.80 -10.29
CA LEU A 278 -20.02 11.04 -10.41
C LEU A 278 -20.67 11.97 -11.43
N ALA A 279 -21.19 11.39 -12.51
CA ALA A 279 -21.96 12.14 -13.50
C ALA A 279 -23.21 12.73 -12.84
N ARG A 280 -23.80 12.02 -11.88
CA ARG A 280 -25.00 12.53 -11.26
C ARG A 280 -24.66 13.65 -10.28
N ASP A 281 -23.53 13.51 -9.55
CA ASP A 281 -23.15 14.50 -8.54
C ASP A 281 -21.89 15.26 -8.99
N LYS A 282 -22.12 16.47 -9.47
CA LYS A 282 -21.12 17.21 -10.24
C LYS A 282 -20.14 17.90 -9.31
N THR A 283 -20.66 18.45 -8.20
CA THR A 283 -19.81 18.94 -7.13
C THR A 283 -18.73 17.90 -6.83
N LEU A 284 -19.17 16.66 -6.67
CA LEU A 284 -18.28 15.60 -6.26
C LEU A 284 -17.29 15.28 -7.38
N GLN A 285 -17.74 15.31 -8.63
CA GLN A 285 -16.89 14.98 -9.76
C GLN A 285 -15.77 16.01 -9.84
N LYS A 286 -16.17 17.28 -9.71
CA LYS A 286 -15.27 18.41 -9.63
C LYS A 286 -14.13 18.11 -8.67
N LYS A 287 -14.47 17.74 -7.44
CA LYS A 287 -13.50 17.63 -6.37
C LYS A 287 -12.53 16.48 -6.64
N CYS A 288 -13.02 15.42 -7.27
CA CYS A 288 -12.15 14.35 -7.71
C CYS A 288 -11.14 14.84 -8.73
N TYR A 289 -11.56 15.83 -9.52
CA TYR A 289 -10.68 16.35 -10.55
C TYR A 289 -9.62 17.19 -9.86
N LEU A 290 -10.09 18.14 -9.04
CA LEU A 290 -9.22 18.97 -8.24
C LEU A 290 -8.25 18.11 -7.44
N GLU A 291 -8.74 17.03 -6.82
CA GLU A 291 -7.88 16.13 -6.06
C GLU A 291 -6.75 15.58 -6.93
N GLN A 292 -7.02 15.31 -8.21
CA GLN A 292 -5.97 14.82 -9.07
C GLN A 292 -4.80 15.80 -9.08
N LYS A 293 -5.12 17.11 -9.09
CA LYS A 293 -4.18 18.21 -9.24
C LYS A 293 -3.46 18.48 -7.93
N THR A 294 -4.23 18.53 -6.84
CA THR A 294 -3.70 18.71 -5.51
C THR A 294 -2.66 17.64 -5.20
N VAL A 295 -2.97 16.41 -5.59
CA VAL A 295 -2.14 15.27 -5.26
C VAL A 295 -1.02 15.12 -6.29
N CYS A 296 -1.32 15.34 -7.58
CA CYS A 296 -0.35 15.01 -8.61
C CYS A 296 0.36 16.24 -9.19
N GLY A 297 -0.09 17.43 -8.79
CA GLY A 297 0.42 18.65 -9.36
C GLY A 297 -0.47 19.15 -10.50
N GLU A 298 -0.66 20.48 -10.57
CA GLU A 298 -1.49 21.12 -11.62
C GLU A 298 -1.10 20.66 -13.03
N ASN A 299 0.12 20.18 -13.24
CA ASN A 299 0.47 19.81 -14.59
C ASN A 299 0.16 18.34 -14.85
N LEU A 300 -0.40 17.64 -13.87
CA LEU A 300 -0.96 16.32 -14.11
C LEU A 300 -0.01 15.46 -14.94
N PRO A 301 1.18 15.16 -14.39
CA PRO A 301 2.08 14.22 -15.04
C PRO A 301 1.58 12.79 -14.94
N PRO A 302 2.26 11.85 -15.63
CA PRO A 302 1.91 10.43 -15.58
C PRO A 302 1.65 9.92 -14.16
N LEU A 303 0.83 8.86 -14.03
CA LEU A 303 0.42 8.41 -12.70
C LEU A 303 1.45 7.43 -12.18
N THR A 304 1.67 7.51 -10.87
CA THR A 304 2.56 6.60 -10.16
C THR A 304 1.77 5.92 -9.05
N TYR A 305 2.11 4.66 -8.81
CA TYR A 305 1.55 3.88 -7.73
C TYR A 305 1.49 4.66 -6.42
N ASP A 306 2.54 5.41 -6.10
CA ASP A 306 2.65 6.07 -4.81
C ASP A 306 1.67 7.24 -4.73
N GLN A 307 1.10 7.68 -5.84
CA GLN A 307 0.13 8.78 -5.77
C GLN A 307 -1.23 8.25 -5.33
N LEU A 308 -1.48 6.95 -5.56
CA LEU A 308 -2.81 6.37 -5.36
C LEU A 308 -3.24 6.50 -3.90
N LYS A 309 -2.35 6.13 -2.95
CA LYS A 309 -2.66 6.14 -1.53
C LYS A 309 -3.11 7.52 -1.04
N ASP A 310 -2.91 8.58 -1.86
CA ASP A 310 -3.20 9.92 -1.41
C ASP A 310 -4.44 10.48 -2.11
N LEU A 311 -4.99 9.73 -3.08
CA LEU A 311 -6.23 10.09 -3.75
C LEU A 311 -7.37 9.57 -2.88
N ASN A 312 -7.54 10.20 -1.72
CA ASN A 312 -8.34 9.59 -0.69
C ASN A 312 -9.82 9.78 -1.07
N LEU A 313 -10.18 10.86 -1.78
CA LEU A 313 -11.58 11.08 -2.09
C LEU A 313 -12.03 10.08 -3.15
N LEU A 314 -11.25 9.92 -4.19
CA LEU A 314 -11.57 8.92 -5.18
C LEU A 314 -11.65 7.55 -4.52
N ASP A 315 -10.79 7.33 -3.53
CA ASP A 315 -10.74 6.05 -2.84
C ASP A 315 -12.09 5.79 -2.17
N ARG A 316 -12.68 6.80 -1.53
CA ARG A 316 -13.96 6.69 -0.86
C ARG A 316 -15.12 6.67 -1.85
N CYS A 317 -14.92 7.22 -3.04
CA CYS A 317 -15.91 7.10 -4.12
C CYS A 317 -16.02 5.65 -4.59
N ILE A 318 -14.88 4.97 -4.72
CA ILE A 318 -14.88 3.55 -5.05
C ILE A 318 -15.53 2.77 -3.92
N LYS A 319 -15.26 3.20 -2.69
CA LYS A 319 -15.75 2.46 -1.53
C LYS A 319 -17.28 2.52 -1.50
N GLU A 320 -17.82 3.72 -1.77
CA GLU A 320 -19.24 3.98 -1.71
C GLU A 320 -19.95 3.29 -2.88
N THR A 321 -19.28 3.19 -4.03
CA THR A 321 -19.85 2.50 -5.18
C THR A 321 -20.00 1.02 -4.85
N LEU A 322 -18.94 0.44 -4.27
CA LEU A 322 -18.99 -0.96 -3.92
C LEU A 322 -20.02 -1.18 -2.80
N ARG A 323 -20.33 -0.13 -2.05
CA ARG A 323 -21.34 -0.26 -1.03
C ARG A 323 -22.70 -0.39 -1.69
N LEU A 324 -23.02 0.53 -2.60
CA LEU A 324 -24.37 0.63 -3.10
C LEU A 324 -24.57 -0.32 -4.28
N ARG A 325 -23.51 -0.66 -5.01
CA ARG A 325 -23.65 -1.54 -6.16
C ARG A 325 -22.55 -2.59 -6.15
N PRO A 326 -22.46 -3.46 -5.14
CA PRO A 326 -21.40 -4.45 -5.13
C PRO A 326 -21.59 -5.37 -6.32
N PRO A 327 -20.51 -5.77 -7.03
CA PRO A 327 -20.65 -6.67 -8.18
C PRO A 327 -21.08 -8.06 -7.74
N ILE A 328 -20.86 -8.39 -6.45
CA ILE A 328 -21.27 -9.67 -5.88
C ILE A 328 -22.33 -9.43 -4.80
N MET A 329 -23.56 -9.75 -5.20
CA MET A 329 -24.79 -9.51 -4.48
C MET A 329 -25.02 -10.50 -3.33
N ILE A 330 -24.61 -11.76 -3.51
CA ILE A 330 -24.80 -12.81 -2.51
C ILE A 330 -23.64 -13.79 -2.55
N MET A 331 -23.30 -14.38 -1.40
CA MET A 331 -22.29 -15.46 -1.30
C MET A 331 -23.03 -16.68 -0.74
N MET A 332 -22.66 -17.90 -1.11
CA MET A 332 -23.42 -19.10 -0.81
C MET A 332 -22.51 -20.20 -0.30
N ARG A 333 -23.07 -20.96 0.65
CA ARG A 333 -22.44 -22.15 1.20
C ARG A 333 -23.50 -23.21 1.41
N MET A 334 -23.04 -24.46 1.45
CA MET A 334 -23.87 -25.62 1.78
C MET A 334 -23.52 -26.08 3.20
N ALA A 335 -24.53 -26.10 4.10
CA ALA A 335 -24.34 -26.60 5.45
C ALA A 335 -24.17 -28.12 5.37
N ARG A 336 -23.01 -28.59 5.84
CA ARG A 336 -22.73 -30.01 5.88
C ARG A 336 -22.84 -30.57 7.29
N THR A 337 -22.77 -29.68 8.28
CA THR A 337 -22.88 -30.02 9.68
C THR A 337 -23.84 -29.00 10.29
N PRO A 338 -24.61 -29.35 11.33
CA PRO A 338 -25.55 -28.38 11.90
C PRO A 338 -24.79 -27.14 12.36
N GLN A 339 -25.45 -25.97 12.32
CA GLN A 339 -24.82 -24.72 12.71
C GLN A 339 -25.84 -23.87 13.46
N THR A 340 -25.38 -23.05 14.40
CA THR A 340 -26.32 -22.23 15.16
C THR A 340 -25.92 -20.76 15.07
N VAL A 341 -26.93 -19.91 14.94
CA VAL A 341 -26.78 -18.47 14.90
C VAL A 341 -28.07 -17.87 15.45
N ALA A 342 -27.90 -16.88 16.33
CA ALA A 342 -29.03 -16.12 16.86
C ALA A 342 -30.09 -17.03 17.46
N GLY A 343 -29.67 -18.18 18.01
CA GLY A 343 -30.56 -19.08 18.75
C GLY A 343 -31.28 -20.07 17.85
N TYR A 344 -30.88 -20.15 16.58
CA TYR A 344 -31.47 -21.10 15.66
C TYR A 344 -30.42 -22.13 15.29
N THR A 345 -30.90 -23.31 14.91
CA THR A 345 -30.02 -24.33 14.36
C THR A 345 -30.36 -24.56 12.89
N ILE A 346 -29.35 -24.34 12.06
CA ILE A 346 -29.42 -24.62 10.64
C ILE A 346 -28.98 -26.08 10.47
N PRO A 347 -29.86 -26.93 9.90
CA PRO A 347 -29.53 -28.33 9.70
C PRO A 347 -28.71 -28.55 8.46
N PRO A 348 -27.95 -29.66 8.35
CA PRO A 348 -27.32 -30.06 7.09
C PRO A 348 -28.31 -30.07 5.94
N GLY A 349 -27.93 -29.51 4.81
CA GLY A 349 -28.78 -29.49 3.63
C GLY A 349 -29.23 -28.07 3.24
N HIS A 350 -29.44 -27.20 4.23
CA HIS A 350 -29.68 -25.80 3.96
C HIS A 350 -28.53 -25.18 3.17
N GLN A 351 -28.90 -24.42 2.14
CA GLN A 351 -27.98 -23.50 1.52
C GLN A 351 -28.01 -22.22 2.36
N VAL A 352 -26.82 -21.76 2.76
CA VAL A 352 -26.67 -20.62 3.66
C VAL A 352 -26.06 -19.45 2.89
N CYS A 353 -26.66 -18.28 3.03
CA CYS A 353 -26.32 -17.17 2.16
C CYS A 353 -26.16 -15.87 2.92
N VAL A 354 -25.28 -14.99 2.44
CA VAL A 354 -25.26 -13.61 2.89
C VAL A 354 -25.36 -12.72 1.67
N SER A 355 -25.79 -11.48 1.88
CA SER A 355 -25.91 -10.49 0.82
C SER A 355 -25.17 -9.23 1.24
N PRO A 356 -23.98 -8.95 0.65
CA PRO A 356 -23.33 -7.67 0.85
C PRO A 356 -24.21 -6.50 0.49
N THR A 357 -24.91 -6.59 -0.64
CA THR A 357 -25.81 -5.53 -1.06
C THR A 357 -26.77 -5.17 0.08
N VAL A 358 -27.32 -6.20 0.72
CA VAL A 358 -28.35 -5.96 1.70
C VAL A 358 -27.70 -5.42 2.95
N ASN A 359 -26.64 -6.12 3.39
CA ASN A 359 -25.94 -5.77 4.60
C ASN A 359 -25.48 -4.31 4.52
N GLN A 360 -25.18 -3.86 3.31
CA GLN A 360 -24.49 -2.60 3.10
C GLN A 360 -25.49 -1.46 2.92
N ARG A 361 -26.80 -1.72 3.06
CA ARG A 361 -27.76 -0.61 3.07
C ARG A 361 -28.84 -0.86 4.12
N LEU A 362 -28.51 -1.74 5.07
CA LEU A 362 -29.45 -2.19 6.07
C LEU A 362 -30.11 -0.99 6.71
N LYS A 363 -31.46 -0.99 6.73
CA LYS A 363 -32.24 0.17 7.12
C LYS A 363 -31.85 0.69 8.50
N ASP A 364 -31.37 -0.16 9.40
CA ASP A 364 -31.09 0.21 10.78
C ASP A 364 -29.59 0.18 11.09
N SER A 365 -28.75 0.26 10.04
CA SER A 365 -27.31 0.35 10.20
C SER A 365 -26.79 1.58 9.47
N TRP A 366 -27.24 1.78 8.23
CA TRP A 366 -26.71 2.76 7.32
C TRP A 366 -27.65 3.96 7.26
N VAL A 367 -27.22 5.09 7.80
CA VAL A 367 -27.99 6.32 7.73
C VAL A 367 -27.97 6.83 6.28
N GLU A 368 -29.03 7.51 5.82
CA GLU A 368 -29.20 7.84 4.41
C GLU A 368 -28.76 6.70 3.48
N ARG A 369 -29.21 5.48 3.79
CA ARG A 369 -28.74 4.21 3.15
C ARG A 369 -28.59 4.25 1.63
N LEU A 370 -29.47 4.95 0.95
CA LEU A 370 -29.46 4.85 -0.49
C LEU A 370 -28.69 6.00 -1.15
N ASP A 371 -28.28 6.99 -0.33
CA ASP A 371 -27.52 8.12 -0.86
C ASP A 371 -26.07 7.73 -1.13
N PHE A 372 -25.57 8.18 -2.28
CA PHE A 372 -24.15 8.14 -2.59
C PHE A 372 -23.44 9.30 -1.88
N ASN A 373 -22.89 8.98 -0.71
CA ASN A 373 -22.20 9.96 0.11
C ASN A 373 -20.86 9.36 0.55
N PRO A 374 -19.73 9.64 -0.13
CA PRO A 374 -18.45 9.01 0.22
C PRO A 374 -17.87 9.66 1.47
N ASP A 375 -18.44 10.78 1.88
CA ASP A 375 -17.99 11.41 3.10
C ASP A 375 -18.56 10.70 4.33
N ARG A 376 -19.43 9.68 4.14
CA ARG A 376 -19.99 8.97 5.27
C ARG A 376 -18.88 8.25 6.04
N TYR A 377 -17.72 8.04 5.40
CA TYR A 377 -16.66 7.28 6.06
C TYR A 377 -15.79 8.20 6.90
N LEU A 378 -16.09 9.50 6.91
CA LEU A 378 -15.29 10.44 7.69
C LEU A 378 -15.92 10.66 9.05
N GLN A 379 -17.06 10.01 9.30
CA GLN A 379 -17.60 9.92 10.64
C GLN A 379 -17.92 8.45 10.90
N ASP A 380 -18.20 8.11 12.16
CA ASP A 380 -18.33 6.70 12.49
C ASP A 380 -19.54 6.12 11.76
N ASN A 381 -19.40 4.86 11.36
CA ASN A 381 -20.17 4.24 10.29
C ASN A 381 -19.95 2.73 10.37
N PRO A 382 -20.84 1.88 9.81
CA PRO A 382 -20.76 0.45 10.09
C PRO A 382 -19.59 -0.27 9.43
N ALA A 383 -18.84 0.41 8.56
CA ALA A 383 -17.76 -0.27 7.87
C ALA A 383 -16.58 -0.41 8.82
N SER A 384 -16.43 0.59 9.70
CA SER A 384 -15.44 0.62 10.75
C SER A 384 -15.98 0.06 12.07
N GLY A 385 -17.23 0.42 12.41
CA GLY A 385 -17.85 0.12 13.70
C GLY A 385 -18.75 -1.12 13.71
N GLU A 386 -18.60 -1.99 12.70
CA GLU A 386 -19.11 -3.35 12.72
C GLU A 386 -18.18 -4.22 11.89
N LYS A 387 -18.10 -5.51 12.20
CA LYS A 387 -17.19 -6.39 11.48
C LYS A 387 -17.66 -6.73 10.07
N PHE A 388 -18.98 -6.97 9.85
CA PHE A 388 -19.46 -7.52 8.58
C PHE A 388 -20.69 -6.80 8.00
N ALA A 389 -20.82 -5.49 8.25
CA ALA A 389 -21.82 -4.70 7.56
C ALA A 389 -21.33 -4.24 6.16
N TYR A 390 -20.01 -4.24 5.92
CA TYR A 390 -19.43 -3.83 4.65
C TYR A 390 -18.47 -4.94 4.20
N VAL A 391 -18.89 -5.73 3.19
CA VAL A 391 -18.14 -6.93 2.86
C VAL A 391 -18.13 -7.19 1.35
N PRO A 392 -17.89 -6.16 0.50
CA PRO A 392 -17.96 -6.35 -0.95
C PRO A 392 -16.90 -7.32 -1.48
N PHE A 393 -15.78 -7.41 -0.75
CA PHE A 393 -14.71 -8.36 -1.03
C PHE A 393 -14.71 -9.53 -0.05
N GLY A 394 -15.77 -9.66 0.78
CA GLY A 394 -15.94 -10.85 1.59
C GLY A 394 -15.20 -10.75 2.92
N ALA A 395 -14.93 -11.92 3.54
CA ALA A 395 -14.25 -12.05 4.83
C ALA A 395 -13.96 -13.53 5.09
N GLY A 396 -13.04 -13.83 6.04
CA GLY A 396 -12.69 -15.21 6.38
C GLY A 396 -11.96 -16.00 5.27
N ARG A 397 -12.00 -17.33 5.33
CA ARG A 397 -11.13 -18.22 4.53
C ARG A 397 -11.41 -18.12 3.03
N HIS A 398 -12.50 -17.46 2.65
CA HIS A 398 -12.90 -17.48 1.25
C HIS A 398 -12.73 -16.13 0.59
N ARG A 399 -12.13 -15.15 1.29
CA ARG A 399 -12.21 -13.75 0.89
C ARG A 399 -11.26 -13.47 -0.28
N CYS A 400 -11.40 -12.25 -0.83
CA CYS A 400 -10.81 -11.87 -2.11
C CYS A 400 -9.32 -11.64 -1.93
N ILE A 401 -8.52 -12.23 -2.82
CA ILE A 401 -7.09 -11.96 -2.88
C ILE A 401 -6.81 -10.70 -3.71
N GLY A 402 -7.82 -10.16 -4.39
CA GLY A 402 -7.58 -9.27 -5.53
C GLY A 402 -8.07 -7.85 -5.29
N GLU A 403 -8.41 -7.52 -4.03
CA GLU A 403 -8.92 -6.20 -3.71
C GLU A 403 -7.92 -5.09 -4.09
N ASN A 404 -6.62 -5.38 -3.94
CA ASN A 404 -5.61 -4.35 -4.09
C ASN A 404 -5.39 -4.04 -5.56
N PHE A 405 -5.21 -5.10 -6.34
CA PHE A 405 -5.18 -4.94 -7.78
C PHE A 405 -6.42 -4.23 -8.30
N ALA A 406 -7.59 -4.66 -7.81
CA ALA A 406 -8.89 -4.12 -8.20
C ALA A 406 -8.90 -2.61 -7.99
N TYR A 407 -8.41 -2.13 -6.85
CA TYR A 407 -8.41 -0.71 -6.55
C TYR A 407 -7.37 0.05 -7.39
N VAL A 408 -6.25 -0.62 -7.69
CA VAL A 408 -5.24 -0.04 -8.56
C VAL A 408 -5.87 0.26 -9.91
N GLN A 409 -6.54 -0.77 -10.48
CA GLN A 409 -7.11 -0.70 -11.82
C GLN A 409 -8.20 0.37 -11.93
N ILE A 410 -9.10 0.39 -10.96
CA ILE A 410 -10.24 1.29 -11.02
C ILE A 410 -9.82 2.72 -10.73
N LYS A 411 -8.91 2.93 -9.76
CA LYS A 411 -8.38 4.28 -9.50
C LYS A 411 -7.64 4.82 -10.72
N THR A 412 -6.83 3.96 -11.34
CA THR A 412 -5.97 4.40 -12.43
C THR A 412 -6.83 4.77 -13.62
N ILE A 413 -7.76 3.87 -13.97
CA ILE A 413 -8.68 4.08 -15.06
C ILE A 413 -9.49 5.36 -14.81
N TRP A 414 -10.00 5.55 -13.59
CA TRP A 414 -10.85 6.71 -13.35
C TRP A 414 -10.07 7.99 -13.12
N SER A 415 -8.81 7.87 -12.68
CA SER A 415 -7.95 9.05 -12.65
C SER A 415 -7.74 9.56 -14.08
N THR A 416 -7.27 8.65 -14.95
CA THR A 416 -7.07 8.93 -16.36
C THR A 416 -8.33 9.52 -17.00
N MET A 417 -9.50 8.94 -16.68
CA MET A 417 -10.73 9.26 -17.37
C MET A 417 -11.21 10.65 -16.95
N LEU A 418 -11.05 11.03 -15.69
CA LEU A 418 -11.41 12.37 -15.24
C LEU A 418 -10.51 13.44 -15.88
N ARG A 419 -9.29 13.03 -16.23
CA ARG A 419 -8.34 13.95 -16.85
C ARG A 419 -8.76 14.18 -18.30
N LEU A 420 -9.27 13.14 -18.97
CA LEU A 420 -9.75 13.25 -20.34
C LEU A 420 -11.07 14.02 -20.38
N TYR A 421 -12.05 13.59 -19.59
CA TYR A 421 -13.41 14.07 -19.81
C TYR A 421 -14.08 14.55 -18.52
N GLU A 422 -15.10 15.39 -18.75
CA GLU A 422 -16.13 15.75 -17.80
C GLU A 422 -17.41 15.01 -18.18
N PHE A 423 -18.03 14.29 -17.23
CA PHE A 423 -19.13 13.38 -17.54
C PHE A 423 -20.47 13.89 -17.00
N ASP A 424 -21.54 13.62 -17.77
CA ASP A 424 -22.88 14.07 -17.42
C ASP A 424 -23.91 12.99 -17.73
N LEU A 425 -25.06 13.09 -17.04
CA LEU A 425 -26.22 12.25 -17.29
C LEU A 425 -26.93 12.75 -18.54
N ILE A 426 -27.75 11.90 -19.14
CA ILE A 426 -28.53 12.30 -20.30
C ILE A 426 -29.99 12.50 -19.93
N ASP A 427 -30.36 13.79 -19.80
CA ASP A 427 -31.70 14.23 -19.48
C ASP A 427 -32.10 13.64 -18.13
N GLY A 428 -31.17 13.73 -17.17
CA GLY A 428 -31.47 13.42 -15.78
C GLY A 428 -31.51 11.92 -15.50
N TYR A 429 -31.29 11.09 -16.53
CA TYR A 429 -31.53 9.66 -16.39
C TYR A 429 -30.38 9.02 -15.62
N PHE A 430 -30.70 8.44 -14.46
CA PHE A 430 -29.77 7.66 -13.69
C PHE A 430 -30.10 6.16 -13.83
N PRO A 431 -29.20 5.35 -14.45
CA PRO A 431 -29.44 3.92 -14.62
C PRO A 431 -30.03 3.21 -13.42
N THR A 432 -31.04 2.40 -13.73
CA THR A 432 -31.62 1.43 -12.82
C THR A 432 -30.76 0.15 -12.88
N VAL A 433 -31.03 -0.78 -11.96
CA VAL A 433 -30.27 -2.01 -11.87
C VAL A 433 -30.83 -3.03 -12.86
N ASN A 434 -29.92 -3.75 -13.52
CA ASN A 434 -30.30 -4.78 -14.48
C ASN A 434 -29.99 -6.12 -13.83
N TYR A 435 -31.05 -6.86 -13.45
CA TYR A 435 -30.88 -8.08 -12.67
C TYR A 435 -30.74 -9.31 -13.60
N THR A 436 -30.48 -9.06 -14.88
CA THR A 436 -30.22 -10.13 -15.83
C THR A 436 -29.36 -11.20 -15.18
N THR A 437 -28.17 -10.81 -14.71
CA THR A 437 -27.25 -11.74 -14.06
C THR A 437 -27.15 -11.40 -12.57
N MET A 438 -26.39 -12.21 -11.83
CA MET A 438 -26.17 -11.99 -10.42
C MET A 438 -25.03 -10.99 -10.21
N ILE A 439 -24.51 -10.43 -11.32
CA ILE A 439 -23.62 -9.29 -11.25
C ILE A 439 -24.36 -8.07 -11.76
N HIS A 440 -24.76 -7.17 -10.86
CA HIS A 440 -25.69 -6.10 -11.17
C HIS A 440 -25.00 -5.05 -12.03
N THR A 441 -25.41 -4.99 -13.30
CA THR A 441 -24.92 -4.01 -14.24
C THR A 441 -25.95 -2.89 -14.31
N PRO A 442 -25.57 -1.68 -14.78
CA PRO A 442 -26.52 -0.57 -14.93
C PRO A 442 -27.33 -0.59 -16.22
N GLU A 443 -28.55 -0.05 -16.11
CA GLU A 443 -29.49 -0.04 -17.22
C GLU A 443 -29.24 1.16 -18.11
N ASN A 444 -29.10 0.90 -19.42
CA ASN A 444 -28.92 1.96 -20.40
C ASN A 444 -27.71 2.80 -20.01
N PRO A 445 -26.51 2.17 -19.91
CA PRO A 445 -25.31 2.83 -19.40
C PRO A 445 -24.60 3.72 -20.42
N VAL A 446 -25.34 4.73 -20.90
CA VAL A 446 -24.83 5.68 -21.85
C VAL A 446 -24.60 6.99 -21.13
N ILE A 447 -23.38 7.50 -21.22
CA ILE A 447 -22.96 8.68 -20.48
C ILE A 447 -22.59 9.78 -21.48
N ARG A 448 -22.92 11.02 -21.10
CA ARG A 448 -22.51 12.17 -21.90
C ARG A 448 -21.13 12.63 -21.43
N TYR A 449 -20.27 12.99 -22.40
CA TYR A 449 -18.91 13.36 -22.08
C TYR A 449 -18.39 14.47 -22.98
N LYS A 450 -17.63 15.39 -22.39
CA LYS A 450 -16.88 16.37 -23.16
C LYS A 450 -15.46 16.51 -22.59
N ARG A 451 -14.58 17.08 -23.42
CA ARG A 451 -13.17 17.21 -23.11
C ARG A 451 -13.02 18.03 -21.83
N ARG A 452 -12.09 17.59 -20.98
CA ARG A 452 -11.81 18.24 -19.71
C ARG A 452 -10.77 19.33 -20.00
N SER A 453 -10.92 20.50 -19.35
CA SER A 453 -9.89 21.55 -19.36
C SER A 453 -9.58 22.02 -20.79
N LYS B 8 33.34 23.74 -18.26
CA LYS B 8 34.55 24.49 -18.71
C LYS B 8 34.54 25.90 -18.11
N GLY B 9 33.37 26.56 -18.09
CA GLY B 9 33.26 28.01 -18.03
C GLY B 9 33.16 28.56 -16.61
N LYS B 10 31.93 28.72 -16.11
CA LYS B 10 31.65 29.66 -15.04
C LYS B 10 31.36 28.95 -13.70
N LEU B 11 32.20 29.23 -12.69
CA LEU B 11 32.04 28.63 -11.38
C LEU B 11 30.89 29.29 -10.63
N PRO B 12 30.22 28.52 -9.76
CA PRO B 12 29.19 29.11 -8.90
C PRO B 12 29.84 30.13 -7.97
N PRO B 13 29.02 31.11 -7.52
CA PRO B 13 29.51 32.17 -6.65
C PRO B 13 30.10 31.54 -5.40
N TYR B 14 31.23 32.10 -4.94
CA TYR B 14 32.01 31.54 -3.84
C TYR B 14 31.86 32.47 -2.64
N ILE B 15 31.55 31.90 -1.47
CA ILE B 15 31.37 32.66 -0.24
C ILE B 15 32.72 32.82 0.47
N PHE B 16 33.16 34.08 0.57
CA PHE B 16 34.40 34.43 1.24
C PHE B 16 34.33 34.02 2.72
N SER B 17 35.44 33.44 3.21
CA SER B 17 35.69 33.27 4.64
C SER B 17 36.98 33.95 5.06
N PRO B 18 37.00 34.74 6.16
CA PRO B 18 38.25 35.29 6.65
C PRO B 18 39.10 34.25 7.38
N ILE B 19 38.62 33.02 7.56
CA ILE B 19 39.39 32.00 8.27
C ILE B 19 40.15 31.12 7.27
N PRO B 20 41.50 31.18 7.27
CA PRO B 20 42.29 30.53 6.20
C PRO B 20 42.00 29.09 5.74
N PHE B 21 42.11 28.07 6.56
CA PHE B 21 41.92 26.73 5.96
C PHE B 21 40.57 26.17 6.40
N LEU B 22 40.25 26.49 7.64
CA LEU B 22 39.00 26.09 8.25
C LEU B 22 37.81 26.53 7.41
N GLY B 23 37.85 27.78 6.92
CA GLY B 23 36.74 28.31 6.15
C GLY B 23 35.51 28.49 7.03
N HIS B 24 34.38 27.92 6.59
CA HIS B 24 33.10 28.08 7.27
C HIS B 24 32.75 26.91 8.19
N ALA B 25 33.70 25.97 8.36
CA ALA B 25 33.49 24.77 9.13
C ALA B 25 32.84 25.05 10.49
N ILE B 26 33.29 26.04 11.24
CA ILE B 26 32.72 26.27 12.59
C ILE B 26 31.27 26.76 12.45
N ALA B 27 31.00 27.81 11.70
CA ALA B 27 29.66 28.41 11.60
C ALA B 27 28.63 27.39 11.12
N PHE B 28 28.91 26.62 10.07
CA PHE B 28 28.00 25.59 9.50
C PHE B 28 27.73 24.50 10.55
N GLY B 29 28.77 23.94 11.15
CA GLY B 29 28.62 22.87 12.15
C GLY B 29 27.76 23.29 13.31
N LYS B 30 27.71 24.58 13.63
CA LYS B 30 26.99 25.10 14.80
C LYS B 30 25.54 25.36 14.40
N SER B 31 25.32 25.77 13.15
CA SER B 31 23.96 26.10 12.73
C SER B 31 23.86 25.96 11.21
N PRO B 32 23.79 24.73 10.71
CA PRO B 32 23.88 24.49 9.27
C PRO B 32 22.72 25.08 8.49
N ILE B 33 21.54 25.18 9.12
CA ILE B 33 20.34 25.47 8.36
C ILE B 33 20.28 26.98 8.14
N GLU B 34 20.32 27.70 9.26
CA GLU B 34 20.52 29.14 9.33
C GLU B 34 21.57 29.61 8.33
N PHE B 35 22.69 28.90 8.26
CA PHE B 35 23.79 29.25 7.38
C PHE B 35 23.35 29.13 5.92
N LEU B 36 22.80 27.98 5.55
CA LEU B 36 22.46 27.72 4.16
C LEU B 36 21.30 28.63 3.73
N GLU B 37 20.43 28.99 4.69
CA GLU B 37 19.30 29.85 4.36
C GLU B 37 19.80 31.24 4.00
N ASN B 38 20.64 31.80 4.89
CA ASN B 38 21.35 33.06 4.67
C ASN B 38 22.15 33.02 3.38
N ALA B 39 22.78 31.87 3.09
CA ALA B 39 23.58 31.73 1.89
C ALA B 39 22.69 31.80 0.65
N TYR B 40 21.46 31.28 0.77
CA TYR B 40 20.55 31.25 -0.35
C TYR B 40 20.05 32.66 -0.65
N GLU B 41 19.69 33.38 0.42
CA GLU B 41 19.27 34.77 0.30
C GLU B 41 20.29 35.60 -0.47
N LYS B 42 21.60 35.39 -0.21
CA LYS B 42 22.59 36.33 -0.68
C LYS B 42 23.26 35.84 -1.95
N TYR B 43 23.35 34.55 -2.19
CA TYR B 43 24.06 34.06 -3.36
C TYR B 43 23.14 33.25 -4.28
N GLY B 44 21.89 33.06 -3.87
CA GLY B 44 20.95 32.31 -4.69
C GLY B 44 21.08 30.80 -4.49
N PRO B 45 20.59 29.99 -5.44
CA PRO B 45 20.46 28.54 -5.28
C PRO B 45 21.67 27.64 -5.51
N VAL B 46 22.78 28.22 -5.97
CA VAL B 46 23.95 27.41 -6.25
C VAL B 46 25.18 28.21 -5.84
N PHE B 47 25.95 27.67 -4.89
CA PHE B 47 27.12 28.37 -4.40
C PHE B 47 28.14 27.39 -3.88
N SER B 48 29.32 27.95 -3.59
CA SER B 48 30.45 27.19 -3.08
C SER B 48 31.03 27.97 -1.91
N PHE B 49 31.61 27.21 -0.97
CA PHE B 49 32.40 27.73 0.13
C PHE B 49 33.34 26.64 0.60
N THR B 50 34.36 27.06 1.36
CA THR B 50 35.40 26.15 1.81
C THR B 50 35.12 25.78 3.25
N MET B 51 35.35 24.50 3.54
CA MET B 51 35.38 23.99 4.90
C MET B 51 36.58 23.05 5.00
N VAL B 52 37.51 23.36 5.92
CA VAL B 52 38.62 22.48 6.22
C VAL B 52 39.37 22.12 4.94
N GLY B 53 39.72 23.17 4.18
CA GLY B 53 40.56 23.03 3.01
C GLY B 53 39.87 22.32 1.84
N LYS B 54 38.55 22.24 1.87
CA LYS B 54 37.81 21.53 0.84
C LYS B 54 36.69 22.43 0.35
N THR B 55 36.35 22.25 -0.92
CA THR B 55 35.32 23.08 -1.52
C THR B 55 34.02 22.27 -1.56
N PHE B 56 32.92 22.97 -1.23
CA PHE B 56 31.59 22.42 -1.11
C PHE B 56 30.65 23.26 -1.96
N THR B 57 29.91 22.62 -2.87
CA THR B 57 28.88 23.30 -3.63
C THR B 57 27.48 22.74 -3.29
N TYR B 58 26.61 23.66 -2.88
CA TYR B 58 25.26 23.32 -2.51
C TYR B 58 24.29 23.67 -3.62
N LEU B 59 23.30 22.78 -3.84
CA LEU B 59 22.23 22.96 -4.78
C LEU B 59 20.94 23.08 -3.98
N LEU B 60 20.41 24.31 -3.88
CA LEU B 60 19.19 24.55 -3.15
C LEU B 60 18.05 24.82 -4.11
N GLY B 61 16.82 24.54 -3.63
CA GLY B 61 15.63 24.51 -4.45
C GLY B 61 15.64 23.28 -5.37
N SER B 62 14.49 23.04 -6.01
CA SER B 62 14.24 21.79 -6.71
C SER B 62 15.04 21.71 -8.01
N ASP B 63 15.03 22.82 -8.77
CA ASP B 63 15.60 22.83 -10.12
C ASP B 63 17.08 22.51 -10.02
N ALA B 64 17.79 23.08 -9.04
CA ALA B 64 19.22 22.82 -8.87
C ALA B 64 19.48 21.44 -8.29
N ALA B 65 18.75 21.10 -7.21
CA ALA B 65 18.92 19.82 -6.53
C ALA B 65 18.82 18.66 -7.52
N ALA B 66 18.01 18.87 -8.57
CA ALA B 66 17.79 17.85 -9.59
C ALA B 66 19.10 17.35 -10.21
N LEU B 67 20.18 18.14 -10.15
CA LEU B 67 21.43 17.68 -10.73
C LEU B 67 21.89 16.44 -9.99
N LEU B 68 21.76 16.51 -8.65
CA LEU B 68 22.26 15.46 -7.78
C LEU B 68 21.33 14.26 -7.85
N PHE B 69 20.03 14.53 -7.75
CA PHE B 69 19.04 13.48 -7.68
C PHE B 69 19.01 12.68 -9.00
N ASN B 70 19.25 13.35 -10.13
CA ASN B 70 19.22 12.66 -11.43
C ASN B 70 20.60 12.17 -11.83
N SER B 71 21.58 12.26 -10.94
CA SER B 71 22.95 11.91 -11.28
C SER B 71 23.20 10.40 -11.31
N LYS B 72 24.15 9.96 -12.14
CA LYS B 72 24.73 8.62 -12.05
C LYS B 72 25.84 8.67 -11.00
N ASN B 73 26.12 7.53 -10.37
CA ASN B 73 27.09 7.51 -9.29
C ASN B 73 28.50 7.77 -9.82
N GLU B 74 28.71 7.41 -11.10
CA GLU B 74 29.97 7.52 -11.81
C GLU B 74 30.42 8.97 -11.93
N ASP B 75 29.44 9.88 -11.83
CA ASP B 75 29.62 11.30 -12.03
C ASP B 75 29.62 12.04 -10.68
N LEU B 76 28.56 11.83 -9.90
CA LEU B 76 28.50 12.31 -8.53
C LEU B 76 28.47 11.10 -7.59
N ASN B 77 29.62 10.84 -6.98
CA ASN B 77 29.89 9.60 -6.25
C ASN B 77 29.56 9.75 -4.76
N ALA B 78 28.80 8.78 -4.24
CA ALA B 78 28.31 8.80 -2.87
C ALA B 78 29.41 8.35 -1.92
N GLU B 79 30.00 7.18 -2.24
CA GLU B 79 30.89 6.48 -1.33
C GLU B 79 32.17 7.27 -1.09
N ASP B 80 32.53 8.11 -2.05
CA ASP B 80 33.66 9.02 -1.90
C ASP B 80 33.48 9.88 -0.66
N VAL B 81 32.24 10.26 -0.36
CA VAL B 81 31.99 11.13 0.79
C VAL B 81 31.61 10.26 2.00
N TYR B 82 30.72 9.30 1.80
CA TYR B 82 30.02 8.63 2.89
C TYR B 82 30.90 7.58 3.57
N SER B 83 31.89 7.01 2.88
CA SER B 83 32.66 5.91 3.44
C SER B 83 33.24 6.29 4.79
N ARG B 84 33.71 7.53 4.91
CA ARG B 84 34.31 8.03 6.16
C ARG B 84 33.30 7.99 7.31
N LEU B 85 32.01 8.12 7.01
CA LEU B 85 31.03 8.24 8.07
C LEU B 85 30.50 6.88 8.50
N THR B 86 30.17 6.04 7.50
CA THR B 86 29.43 4.81 7.71
C THR B 86 30.34 3.57 7.80
N THR B 87 31.58 3.63 7.30
CA THR B 87 32.39 2.43 7.28
C THR B 87 32.85 2.10 8.70
N PRO B 88 33.24 3.11 9.52
CA PRO B 88 33.42 2.92 10.96
C PRO B 88 32.21 2.48 11.78
N VAL B 89 31.02 2.56 11.19
CA VAL B 89 29.77 2.27 11.90
C VAL B 89 29.24 0.90 11.52
N PHE B 90 29.22 0.57 10.23
CA PHE B 90 28.76 -0.73 9.78
C PHE B 90 29.92 -1.71 9.78
N GLY B 91 31.13 -1.26 9.43
CA GLY B 91 32.23 -2.17 9.18
C GLY B 91 32.54 -2.31 7.68
N LYS B 92 33.54 -3.13 7.39
CA LYS B 92 34.08 -3.28 6.05
C LYS B 92 33.14 -4.13 5.21
N GLY B 93 33.31 -4.07 3.88
CA GLY B 93 32.69 -5.03 2.97
C GLY B 93 31.25 -4.72 2.60
N VAL B 94 30.65 -3.68 3.21
CA VAL B 94 29.23 -3.38 3.03
C VAL B 94 29.03 -1.87 2.85
N ALA B 95 27.91 -1.55 2.19
CA ALA B 95 27.46 -0.18 1.99
C ALA B 95 28.52 0.60 1.19
N TYR B 96 29.08 1.66 1.79
CA TYR B 96 29.89 2.60 1.03
C TYR B 96 31.36 2.19 1.06
N ASP B 97 31.67 1.02 1.61
CA ASP B 97 33.04 0.52 1.66
C ASP B 97 33.27 -0.43 0.49
N VAL B 98 32.38 -0.41 -0.50
CA VAL B 98 32.51 -1.31 -1.63
C VAL B 98 32.01 -0.56 -2.86
N PRO B 99 32.40 -1.00 -4.07
CA PRO B 99 31.79 -0.47 -5.30
C PRO B 99 30.26 -0.47 -5.26
N ASN B 100 29.68 0.50 -5.97
CA ASN B 100 28.23 0.69 -6.07
C ASN B 100 27.53 -0.57 -6.57
N PRO B 101 28.04 -1.29 -7.60
CA PRO B 101 27.43 -2.55 -8.03
C PRO B 101 27.24 -3.59 -6.94
N VAL B 102 28.17 -3.64 -5.97
CA VAL B 102 28.10 -4.58 -4.87
C VAL B 102 27.06 -4.12 -3.85
N PHE B 103 27.03 -2.83 -3.55
CA PHE B 103 26.06 -2.23 -2.59
C PHE B 103 24.66 -2.28 -3.21
N LEU B 104 24.54 -2.26 -4.54
CA LEU B 104 23.24 -2.44 -5.17
C LEU B 104 22.71 -3.86 -4.94
N GLU B 105 23.61 -4.84 -4.93
CA GLU B 105 23.23 -6.22 -4.68
C GLU B 105 22.74 -6.39 -3.24
N GLN B 106 23.44 -5.75 -2.29
CA GLN B 106 23.08 -5.81 -0.89
C GLN B 106 21.72 -5.15 -0.66
N LYS B 107 21.48 -4.01 -1.33
CA LYS B 107 20.25 -3.24 -1.16
C LYS B 107 19.03 -4.06 -1.57
N LYS B 108 19.23 -5.01 -2.50
CA LYS B 108 18.15 -5.87 -2.96
C LYS B 108 17.88 -6.98 -1.95
N MET B 109 18.94 -7.57 -1.41
CA MET B 109 18.78 -8.56 -0.36
C MET B 109 17.83 -8.01 0.70
N LEU B 110 18.13 -6.80 1.19
CA LEU B 110 17.44 -6.20 2.31
C LEU B 110 16.01 -5.82 1.93
N LYS B 111 15.75 -5.68 0.62
CA LYS B 111 14.43 -5.32 0.14
C LYS B 111 13.50 -6.53 0.15
N SER B 112 14.07 -7.74 0.29
CA SER B 112 13.31 -8.97 0.30
C SER B 112 12.35 -9.03 1.49
N GLY B 113 12.68 -8.37 2.60
CA GLY B 113 11.84 -8.40 3.80
C GLY B 113 10.74 -7.35 3.82
N LEU B 114 10.64 -6.54 2.77
CA LEU B 114 9.90 -5.28 2.83
C LEU B 114 8.79 -5.27 1.80
N ASN B 115 7.60 -5.77 2.17
CA ASN B 115 6.47 -5.85 1.24
C ASN B 115 5.22 -6.08 2.08
N ILE B 116 4.06 -6.00 1.44
CA ILE B 116 2.78 -6.05 2.14
C ILE B 116 2.73 -7.29 3.02
N ALA B 117 3.25 -8.42 2.52
CA ALA B 117 3.15 -9.68 3.25
C ALA B 117 3.75 -9.54 4.65
N HIS B 118 4.94 -8.95 4.76
CA HIS B 118 5.59 -8.84 6.04
C HIS B 118 4.95 -7.71 6.86
N PHE B 119 4.62 -6.61 6.20
CA PHE B 119 4.08 -5.44 6.88
C PHE B 119 2.83 -5.86 7.66
N LYS B 120 2.07 -6.79 7.08
CA LYS B 120 0.84 -7.30 7.70
C LYS B 120 1.13 -7.90 9.05
N GLN B 121 2.24 -8.65 9.12
CA GLN B 121 2.74 -9.21 10.37
C GLN B 121 3.29 -8.12 11.28
N HIS B 122 4.07 -7.18 10.75
CA HIS B 122 4.76 -6.14 11.57
C HIS B 122 3.80 -5.32 12.43
N VAL B 123 2.60 -4.99 11.93
CA VAL B 123 1.66 -4.07 12.64
C VAL B 123 1.32 -4.65 14.01
N SER B 124 1.15 -5.97 14.11
CA SER B 124 0.82 -6.66 15.38
C SER B 124 2.06 -6.70 16.28
N ILE B 125 3.24 -6.97 15.73
CA ILE B 125 4.51 -6.97 16.49
C ILE B 125 4.72 -5.56 17.06
N ILE B 126 4.59 -4.52 16.26
CA ILE B 126 4.88 -3.13 16.70
C ILE B 126 3.84 -2.73 17.74
N GLU B 127 2.57 -3.09 17.55
CA GLU B 127 1.54 -2.65 18.48
C GLU B 127 1.77 -3.24 19.88
N LYS B 128 2.17 -4.51 19.91
CA LYS B 128 2.36 -5.22 21.16
C LYS B 128 3.62 -4.72 21.88
N GLU B 129 4.73 -4.65 21.14
CA GLU B 129 5.99 -4.15 21.68
C GLU B 129 5.82 -2.79 22.32
N THR B 130 5.01 -1.94 21.66
CA THR B 130 4.76 -0.57 22.07
C THR B 130 3.96 -0.56 23.36
N LYS B 131 2.93 -1.38 23.39
CA LYS B 131 1.99 -1.37 24.49
C LYS B 131 2.69 -1.96 25.71
N GLU B 132 3.42 -3.06 25.49
CA GLU B 132 4.31 -3.62 26.50
C GLU B 132 5.27 -2.56 26.99
N TYR B 133 6.01 -1.89 26.07
CA TYR B 133 7.02 -0.93 26.48
C TYR B 133 6.42 0.16 27.37
N PHE B 134 5.24 0.67 27.03
CA PHE B 134 4.77 1.85 27.74
C PHE B 134 4.01 1.52 29.01
N GLU B 135 3.99 0.25 29.45
CA GLU B 135 3.40 -0.10 30.73
C GLU B 135 4.16 0.59 31.86
N SER B 136 5.47 0.67 31.71
CA SER B 136 6.37 1.33 32.65
C SER B 136 6.05 2.81 32.87
N TRP B 137 5.27 3.43 31.99
CA TRP B 137 4.94 4.85 32.12
C TRP B 137 3.74 5.07 33.03
N GLY B 138 2.96 4.01 33.28
CA GLY B 138 1.77 4.11 34.11
C GLY B 138 0.79 5.17 33.64
N GLU B 139 0.05 5.76 34.59
CA GLU B 139 -1.15 6.51 34.25
C GLU B 139 -0.83 7.95 33.87
N SER B 140 0.27 8.53 34.35
CA SER B 140 0.59 9.91 34.04
C SER B 140 2.02 10.25 34.42
N GLY B 141 2.49 11.43 34.01
CA GLY B 141 3.84 11.87 34.34
C GLY B 141 4.39 12.87 33.33
N GLU B 142 5.68 13.16 33.52
CA GLU B 142 6.48 13.99 32.64
C GLU B 142 7.74 13.18 32.40
N LYS B 143 7.94 12.68 31.17
CA LYS B 143 9.05 11.82 30.86
C LYS B 143 9.66 12.15 29.50
N ASN B 144 10.82 11.56 29.25
CA ASN B 144 11.61 11.82 28.06
C ASN B 144 11.18 10.89 26.96
N VAL B 145 10.45 11.44 26.00
CA VAL B 145 9.79 10.65 24.98
C VAL B 145 10.78 10.23 23.88
N PHE B 146 11.89 10.95 23.70
CA PHE B 146 12.89 10.61 22.70
C PHE B 146 13.73 9.41 23.15
N GLU B 147 14.02 9.34 24.45
CA GLU B 147 14.74 8.22 25.03
C GLU B 147 13.86 6.98 24.91
N ALA B 148 12.56 7.16 25.10
CA ALA B 148 11.62 6.05 25.11
C ALA B 148 11.49 5.45 23.72
N LEU B 149 11.37 6.32 22.71
CA LEU B 149 11.16 5.88 21.35
C LEU B 149 12.46 5.29 20.80
N SER B 150 13.58 5.82 21.28
CA SER B 150 14.88 5.27 20.92
C SER B 150 14.97 3.82 21.41
N GLU B 151 14.54 3.57 22.64
CA GLU B 151 14.57 2.20 23.18
C GLU B 151 13.58 1.30 22.44
N LEU B 152 12.32 1.74 22.36
CA LEU B 152 11.21 0.99 21.79
C LEU B 152 11.44 0.58 20.33
N ILE B 153 12.00 1.50 19.53
CA ILE B 153 12.14 1.28 18.09
C ILE B 153 13.33 0.37 17.80
N ILE B 154 14.26 0.26 18.75
CA ILE B 154 15.23 -0.82 18.68
C ILE B 154 14.47 -2.15 18.72
N LEU B 155 13.46 -2.22 19.62
CA LEU B 155 12.75 -3.46 19.85
C LEU B 155 11.85 -3.71 18.65
N THR B 156 11.13 -2.71 18.18
CA THR B 156 10.20 -2.92 17.08
C THR B 156 10.96 -3.23 15.79
N ALA B 157 12.01 -2.45 15.53
CA ALA B 157 12.74 -2.60 14.29
C ALA B 157 13.45 -3.94 14.21
N SER B 158 14.13 -4.33 15.29
CA SER B 158 14.84 -5.60 15.34
C SER B 158 13.87 -6.77 15.20
N HIS B 159 12.75 -6.68 15.92
CA HIS B 159 11.73 -7.69 15.83
C HIS B 159 11.25 -7.82 14.39
N CYS B 160 10.89 -6.68 13.78
CA CYS B 160 10.23 -6.69 12.47
C CYS B 160 11.19 -7.02 11.34
N LEU B 161 12.39 -6.44 11.37
CA LEU B 161 13.31 -6.55 10.24
C LEU B 161 14.25 -7.73 10.43
N HIS B 162 14.65 -7.99 11.69
CA HIS B 162 15.69 -8.97 12.00
C HIS B 162 15.14 -10.32 12.40
N GLY B 163 13.92 -10.34 12.97
CA GLY B 163 13.29 -11.58 13.37
C GLY B 163 13.21 -11.74 14.89
N LYS B 164 12.37 -12.68 15.33
CA LYS B 164 12.09 -12.85 16.75
C LYS B 164 13.34 -13.35 17.47
N GLU B 165 14.18 -14.14 16.77
CA GLU B 165 15.37 -14.69 17.39
C GLU B 165 16.28 -13.54 17.81
N ILE B 166 16.76 -12.76 16.83
CA ILE B 166 17.68 -11.66 17.13
C ILE B 166 17.05 -10.77 18.20
N ARG B 167 15.78 -10.46 18.02
CA ARG B 167 15.05 -9.56 18.89
C ARG B 167 15.23 -9.98 20.34
N SER B 168 15.28 -11.31 20.56
CA SER B 168 15.31 -11.90 21.90
C SER B 168 16.67 -11.70 22.58
N GLN B 169 17.73 -11.51 21.78
CA GLN B 169 19.04 -11.23 22.34
C GLN B 169 19.32 -9.74 22.44
N LEU B 170 18.40 -8.88 21.99
CA LEU B 170 18.58 -7.44 22.18
C LEU B 170 17.76 -7.02 23.38
N ASN B 171 17.94 -5.76 23.80
CA ASN B 171 17.07 -5.14 24.79
C ASN B 171 17.20 -3.61 24.68
N GLU B 172 16.75 -2.90 25.73
CA GLU B 172 16.71 -1.45 25.74
C GLU B 172 18.11 -0.83 25.95
N LYS B 173 19.09 -1.59 26.42
CA LYS B 173 20.44 -1.07 26.60
C LYS B 173 21.14 -0.88 25.26
N VAL B 174 20.61 -1.51 24.21
CA VAL B 174 21.17 -1.43 22.87
C VAL B 174 20.83 -0.11 22.21
N ALA B 175 19.82 0.59 22.73
CA ALA B 175 19.56 1.95 22.28
C ALA B 175 20.81 2.81 22.52
N GLN B 176 21.44 2.66 23.68
CA GLN B 176 22.59 3.47 24.04
C GLN B 176 23.77 3.11 23.14
N LEU B 177 23.93 1.85 22.72
CA LEU B 177 24.94 1.54 21.70
C LEU B 177 24.68 2.40 20.47
N TYR B 178 23.43 2.37 20.03
CA TYR B 178 23.05 2.95 18.76
C TYR B 178 23.13 4.46 18.81
N ALA B 179 22.90 5.04 19.99
CA ALA B 179 23.02 6.47 20.16
C ALA B 179 24.46 6.88 19.84
N ASP B 180 25.42 6.05 20.23
CA ASP B 180 26.85 6.34 20.03
C ASP B 180 27.23 5.97 18.61
N LEU B 181 26.64 4.93 18.02
CA LEU B 181 26.85 4.68 16.59
C LEU B 181 26.45 5.92 15.77
N ALA B 182 25.19 6.35 15.98
CA ALA B 182 24.60 7.52 15.33
C ALA B 182 25.38 8.79 15.65
N GLY B 183 26.01 8.80 16.83
CA GLY B 183 26.85 9.90 17.26
C GLY B 183 28.06 10.08 16.35
N GLY B 184 28.38 9.08 15.53
CA GLY B 184 29.47 9.17 14.57
C GLY B 184 29.06 9.75 13.22
N PHE B 185 27.81 10.23 13.13
CA PHE B 185 27.35 10.96 11.96
C PHE B 185 27.33 12.43 12.32
N SER B 186 28.52 13.03 12.36
CA SER B 186 28.65 14.41 12.81
C SER B 186 29.38 15.25 11.77
N HIS B 187 29.27 16.57 11.95
CA HIS B 187 30.09 17.56 11.27
C HIS B 187 31.58 17.15 11.34
N ALA B 188 32.08 16.96 12.56
CA ALA B 188 33.46 16.60 12.78
C ALA B 188 33.85 15.34 12.00
N ALA B 189 33.04 14.31 12.06
CA ALA B 189 33.32 13.02 11.44
C ALA B 189 33.27 13.11 9.93
N TRP B 190 32.40 14.00 9.44
CA TRP B 190 32.30 14.36 8.03
C TRP B 190 33.59 15.00 7.51
N LEU B 191 34.19 15.94 8.27
CA LEU B 191 35.23 16.84 7.75
C LEU B 191 36.64 16.52 8.24
N LEU B 192 36.79 15.72 9.30
CA LEU B 192 38.10 15.45 9.89
C LEU B 192 38.43 13.98 9.70
N PRO B 193 39.73 13.59 9.66
CA PRO B 193 40.12 12.18 9.65
C PRO B 193 39.80 11.53 11.00
N GLY B 194 39.53 10.22 11.04
CA GLY B 194 39.04 9.58 12.25
C GLY B 194 40.08 9.34 13.36
N TRP B 195 40.72 10.40 13.90
CA TRP B 195 41.50 10.33 15.14
C TRP B 195 41.17 11.48 16.13
N LEU B 196 40.32 11.22 17.18
CA LEU B 196 39.63 12.21 18.07
C LEU B 196 38.68 11.50 19.06
N PRO B 197 37.81 12.15 19.89
CA PRO B 197 37.00 11.42 20.91
C PRO B 197 35.75 10.68 20.42
N LEU B 198 35.87 9.84 19.37
CA LEU B 198 34.72 9.09 18.76
C LEU B 198 34.57 7.73 19.45
N PRO B 199 33.56 7.54 20.35
CA PRO B 199 33.27 6.28 21.05
C PRO B 199 32.32 5.41 20.23
N SER B 200 32.12 5.76 18.97
CA SER B 200 31.29 5.00 18.04
C SER B 200 31.96 3.66 17.75
N PHE B 201 33.29 3.64 17.87
CA PHE B 201 34.07 2.45 17.65
C PHE B 201 33.83 1.39 18.71
N ARG B 202 33.73 1.84 19.97
CA ARG B 202 33.39 0.95 21.07
C ARG B 202 32.09 0.25 20.73
N ARG B 203 31.07 1.03 20.41
CA ARG B 203 29.72 0.47 20.15
C ARG B 203 29.75 -0.43 18.93
N ARG B 204 30.59 -0.12 17.95
CA ARG B 204 30.65 -0.98 16.80
C ARG B 204 31.33 -2.29 17.19
N ASP B 205 32.30 -2.25 18.11
CA ASP B 205 32.90 -3.47 18.65
C ASP B 205 31.74 -4.35 19.21
N ARG B 206 30.88 -3.73 20.03
CA ARG B 206 29.87 -4.42 20.80
C ARG B 206 28.76 -4.93 19.89
N ALA B 207 28.15 -4.02 19.12
CA ALA B 207 27.02 -4.34 18.25
C ALA B 207 27.41 -5.45 17.28
N HIS B 208 28.70 -5.49 16.94
CA HIS B 208 29.26 -6.50 16.05
C HIS B 208 29.29 -7.86 16.73
N ARG B 209 29.84 -7.90 17.96
CA ARG B 209 29.90 -9.13 18.77
C ARG B 209 28.50 -9.68 18.97
N GLU B 210 27.57 -8.81 19.40
CA GLU B 210 26.20 -9.24 19.64
C GLU B 210 25.61 -9.90 18.41
N ILE B 211 25.75 -9.24 17.26
CA ILE B 211 25.21 -9.75 16.01
C ILE B 211 26.04 -11.00 15.63
N LYS B 212 27.31 -11.07 16.02
CA LYS B 212 28.13 -12.20 15.59
C LYS B 212 27.71 -13.47 16.31
N ASP B 213 27.36 -13.33 17.59
CA ASP B 213 26.89 -14.45 18.38
C ASP B 213 25.77 -15.16 17.63
N ILE B 214 24.83 -14.39 17.05
CA ILE B 214 23.66 -14.99 16.46
C ILE B 214 24.01 -15.76 15.20
N PHE B 215 25.21 -15.57 14.63
CA PHE B 215 25.63 -16.40 13.51
C PHE B 215 25.97 -17.79 14.01
N TYR B 216 26.67 -17.84 15.16
CA TYR B 216 27.09 -19.10 15.74
C TYR B 216 25.88 -19.81 16.36
N LYS B 217 24.70 -19.20 16.28
CA LYS B 217 23.49 -19.82 16.76
C LYS B 217 22.69 -20.37 15.58
N ALA B 218 22.48 -19.57 14.53
CA ALA B 218 21.84 -20.07 13.32
C ALA B 218 22.70 -21.20 12.75
N ILE B 219 23.98 -20.91 12.47
CA ILE B 219 24.93 -21.95 12.14
C ILE B 219 25.15 -22.72 13.44
N GLN B 220 25.55 -23.99 13.38
CA GLN B 220 25.58 -24.83 14.57
C GLN B 220 24.14 -25.10 15.00
N LYS B 221 23.25 -25.29 14.03
CA LYS B 221 21.81 -25.58 14.30
C LYS B 221 21.10 -25.94 12.99
N GLU B 227 18.24 -26.70 11.33
CA GLU B 227 17.56 -25.48 11.82
C GLU B 227 17.57 -24.40 10.73
N LYS B 228 16.42 -23.79 10.43
CA LYS B 228 16.32 -22.73 9.44
C LYS B 228 15.00 -21.98 9.65
N ILE B 229 15.06 -20.65 9.71
CA ILE B 229 13.87 -19.85 9.97
C ILE B 229 13.64 -18.93 8.77
N ASP B 230 12.48 -18.28 8.70
CA ASP B 230 12.27 -17.22 7.71
C ASP B 230 12.85 -15.92 8.25
N ASP B 231 14.01 -16.03 8.90
CA ASP B 231 14.71 -14.84 9.43
C ASP B 231 15.52 -14.23 8.29
N ILE B 232 15.77 -12.91 8.33
CA ILE B 232 16.62 -12.30 7.34
C ILE B 232 18.00 -12.92 7.43
N LEU B 233 18.42 -13.28 8.64
CA LEU B 233 19.72 -13.90 8.83
C LEU B 233 19.84 -15.10 7.90
N GLN B 234 18.75 -15.89 7.82
CA GLN B 234 18.69 -17.01 6.89
C GLN B 234 18.89 -16.50 5.47
N THR B 235 18.04 -15.56 5.08
CA THR B 235 18.11 -14.95 3.76
C THR B 235 19.56 -14.61 3.41
N LEU B 236 20.29 -14.02 4.38
CA LEU B 236 21.66 -13.55 4.14
C LEU B 236 22.63 -14.72 3.99
N LEU B 237 22.57 -15.67 4.93
CA LEU B 237 23.46 -16.81 4.94
C LEU B 237 23.21 -17.73 3.74
N ASP B 238 21.95 -17.79 3.29
CA ASP B 238 21.55 -18.60 2.13
C ASP B 238 22.00 -17.93 0.83
N ALA B 239 22.02 -16.60 0.81
CA ALA B 239 22.17 -15.82 -0.43
C ALA B 239 23.61 -15.84 -0.93
N THR B 240 23.72 -15.47 -2.21
CA THR B 240 24.98 -15.41 -2.93
C THR B 240 24.99 -14.15 -3.79
N TYR B 241 26.18 -13.63 -4.08
CA TYR B 241 26.28 -12.49 -4.98
C TYR B 241 25.98 -12.92 -6.40
N LYS B 242 25.96 -11.95 -7.34
CA LYS B 242 25.78 -12.20 -8.75
C LYS B 242 26.77 -13.22 -9.29
N ASP B 243 28.05 -13.06 -8.92
CA ASP B 243 29.11 -13.94 -9.37
C ASP B 243 29.02 -15.32 -8.71
N GLY B 244 28.30 -15.42 -7.58
CA GLY B 244 28.05 -16.69 -6.92
C GLY B 244 28.66 -16.81 -5.52
N ARG B 245 29.59 -15.92 -5.15
CA ARG B 245 30.33 -16.06 -3.91
C ARG B 245 29.39 -15.85 -2.72
N PRO B 246 29.59 -16.60 -1.60
CA PRO B 246 28.85 -16.38 -0.36
C PRO B 246 29.33 -15.21 0.50
N LEU B 247 28.40 -14.52 1.17
CA LEU B 247 28.76 -13.41 2.05
C LEU B 247 29.59 -13.96 3.22
N THR B 248 30.58 -13.20 3.65
CA THR B 248 31.38 -13.62 4.83
C THR B 248 30.57 -13.35 6.09
N ASP B 249 30.98 -13.96 7.20
CA ASP B 249 30.28 -13.70 8.48
C ASP B 249 30.38 -12.21 8.78
N ASP B 250 31.44 -11.56 8.30
CA ASP B 250 31.59 -10.10 8.49
C ASP B 250 30.56 -9.35 7.65
N GLU B 251 30.42 -9.70 6.38
CA GLU B 251 29.45 -9.02 5.53
C GLU B 251 28.04 -9.16 6.10
N VAL B 252 27.70 -10.38 6.54
CA VAL B 252 26.44 -10.66 7.18
C VAL B 252 26.25 -9.71 8.37
N ALA B 253 27.28 -9.60 9.22
CA ALA B 253 27.19 -8.88 10.48
C ALA B 253 26.96 -7.40 10.25
N GLY B 254 27.75 -6.83 9.33
CA GLY B 254 27.68 -5.40 9.01
C GLY B 254 26.28 -5.02 8.55
N MET B 255 25.69 -5.88 7.72
CA MET B 255 24.39 -5.61 7.13
C MET B 255 23.29 -5.68 8.19
N LEU B 256 23.51 -6.47 9.24
CA LEU B 256 22.51 -6.53 10.29
C LEU B 256 22.62 -5.28 11.17
N ILE B 257 23.84 -4.81 11.42
CA ILE B 257 24.03 -3.56 12.14
C ILE B 257 23.31 -2.45 11.37
N GLY B 258 23.62 -2.37 10.07
CA GLY B 258 23.12 -1.32 9.19
C GLY B 258 21.60 -1.31 9.08
N LEU B 259 21.04 -2.51 8.92
CA LEU B 259 19.60 -2.65 8.84
C LEU B 259 18.92 -2.14 10.11
N LEU B 260 19.49 -2.43 11.28
CA LEU B 260 18.91 -1.97 12.53
C LEU B 260 18.98 -0.45 12.63
N LEU B 261 20.13 0.14 12.34
CA LEU B 261 20.27 1.61 12.34
C LEU B 261 19.27 2.22 11.35
N ALA B 262 19.10 1.58 10.20
CA ALA B 262 18.12 2.06 9.24
C ALA B 262 16.73 2.13 9.88
N GLY B 263 16.39 1.07 10.62
CA GLY B 263 15.08 0.96 11.20
C GLY B 263 14.87 1.88 12.39
N GLN B 264 15.95 2.43 12.96
CA GLN B 264 15.86 3.02 14.29
C GLN B 264 16.20 4.52 14.33
N ALA B 265 17.33 4.92 13.75
CA ALA B 265 17.92 6.23 14.03
C ALA B 265 17.06 7.39 13.49
N THR B 266 16.66 7.23 12.23
CA THR B 266 15.84 8.19 11.50
C THR B 266 14.41 8.13 12.03
N SER B 267 13.96 6.96 12.48
CA SER B 267 12.58 6.82 12.92
C SER B 267 12.37 7.39 14.32
N SER B 268 13.38 7.28 15.19
CA SER B 268 13.21 7.64 16.59
C SER B 268 13.23 9.16 16.80
N THR B 269 14.07 9.90 16.06
CA THR B 269 14.01 11.36 16.06
C THR B 269 12.72 11.84 15.42
N THR B 270 12.31 11.24 14.29
CA THR B 270 11.05 11.60 13.65
C THR B 270 9.85 11.38 14.57
N SER B 271 9.81 10.20 15.20
CA SER B 271 8.70 9.85 16.05
C SER B 271 8.62 10.85 17.20
N ALA B 272 9.79 11.31 17.67
CA ALA B 272 9.81 12.14 18.86
C ALA B 272 9.29 13.54 18.52
N TRP B 273 9.68 14.03 17.34
CA TRP B 273 9.26 15.36 16.93
C TRP B 273 7.75 15.36 16.82
N MET B 274 7.21 14.30 16.19
CA MET B 274 5.78 14.22 16.02
C MET B 274 5.08 14.43 17.36
N GLY B 275 5.60 13.78 18.39
CA GLY B 275 4.99 13.90 19.71
C GLY B 275 4.83 15.35 20.16
N PHE B 276 5.82 16.18 19.81
CA PHE B 276 5.87 17.53 20.33
C PHE B 276 4.98 18.41 19.46
N PHE B 277 4.97 18.13 18.15
CA PHE B 277 4.07 18.83 17.24
C PHE B 277 2.61 18.58 17.63
N LEU B 278 2.27 17.36 18.07
CA LEU B 278 0.88 17.05 18.42
C LEU B 278 0.58 17.51 19.85
N ALA B 279 1.59 17.45 20.71
CA ALA B 279 1.47 18.00 22.06
C ALA B 279 1.30 19.50 21.97
N ARG B 280 1.94 20.16 20.99
CA ARG B 280 1.81 21.60 20.89
C ARG B 280 0.47 21.99 20.27
N ASP B 281 -0.05 21.20 19.33
CA ASP B 281 -1.31 21.51 18.68
C ASP B 281 -2.39 20.49 19.10
N LYS B 282 -3.26 20.89 20.02
CA LYS B 282 -4.14 19.97 20.71
C LYS B 282 -5.37 19.66 19.88
N THR B 283 -5.93 20.67 19.21
CA THR B 283 -6.91 20.46 18.15
C THR B 283 -6.52 19.27 17.28
N LEU B 284 -5.27 19.29 16.83
CA LEU B 284 -4.80 18.32 15.87
C LEU B 284 -4.59 16.95 16.50
N GLN B 285 -4.19 16.91 17.79
CA GLN B 285 -3.97 15.66 18.48
C GLN B 285 -5.32 14.94 18.62
N LYS B 286 -6.30 15.71 19.09
CA LYS B 286 -7.71 15.33 19.18
C LYS B 286 -8.19 14.62 17.92
N LYS B 287 -7.95 15.25 16.76
CA LYS B 287 -8.46 14.73 15.51
C LYS B 287 -7.78 13.43 15.14
N CYS B 288 -6.48 13.34 15.44
CA CYS B 288 -5.76 12.12 15.16
C CYS B 288 -6.31 10.99 16.03
N TYR B 289 -6.85 11.35 17.21
CA TYR B 289 -7.49 10.37 18.08
C TYR B 289 -8.84 9.98 17.48
N LEU B 290 -9.70 10.96 17.18
CA LEU B 290 -10.96 10.71 16.50
C LEU B 290 -10.74 9.81 15.30
N GLU B 291 -9.78 10.16 14.47
CA GLU B 291 -9.52 9.40 13.26
C GLU B 291 -9.28 7.93 13.61
N GLN B 292 -8.59 7.66 14.73
CA GLN B 292 -8.37 6.27 15.12
C GLN B 292 -9.71 5.54 15.23
N LYS B 293 -10.73 6.24 15.76
CA LYS B 293 -12.04 5.66 16.06
C LYS B 293 -12.86 5.55 14.79
N THR B 294 -12.91 6.65 14.04
CA THR B 294 -13.65 6.72 12.80
C THR B 294 -13.22 5.59 11.89
N VAL B 295 -11.90 5.40 11.82
CA VAL B 295 -11.31 4.47 10.88
C VAL B 295 -11.32 3.06 11.45
N CYS B 296 -11.04 2.89 12.75
CA CYS B 296 -10.83 1.55 13.29
C CYS B 296 -12.04 1.05 14.08
N GLY B 297 -12.97 1.97 14.37
CA GLY B 297 -14.13 1.67 15.19
C GLY B 297 -13.97 2.22 16.59
N GLU B 298 -15.11 2.53 17.22
CA GLU B 298 -15.18 3.10 18.56
C GLU B 298 -14.51 2.19 19.57
N ASN B 299 -14.46 0.89 19.29
CA ASN B 299 -13.92 -0.05 20.24
C ASN B 299 -12.41 -0.19 20.10
N LEU B 300 -11.81 0.43 19.07
CA LEU B 300 -10.37 0.47 18.90
C LEU B 300 -9.75 -0.92 19.06
N PRO B 301 -10.09 -1.83 18.13
CA PRO B 301 -9.51 -3.17 18.16
C PRO B 301 -8.06 -3.19 17.66
N PRO B 302 -7.36 -4.34 17.77
CA PRO B 302 -5.98 -4.43 17.29
C PRO B 302 -5.78 -3.83 15.89
N LEU B 303 -4.61 -3.25 15.61
CA LEU B 303 -4.40 -2.57 14.35
C LEU B 303 -4.09 -3.59 13.26
N THR B 304 -4.57 -3.26 12.07
CA THR B 304 -4.27 -4.06 10.89
C THR B 304 -3.59 -3.17 9.87
N TYR B 305 -2.72 -3.80 9.08
CA TYR B 305 -2.04 -3.11 8.01
C TYR B 305 -3.03 -2.32 7.15
N ASP B 306 -4.20 -2.90 6.89
CA ASP B 306 -5.12 -2.31 5.93
C ASP B 306 -5.83 -1.11 6.53
N GLN B 307 -5.76 -0.92 7.83
CA GLN B 307 -6.31 0.29 8.43
C GLN B 307 -5.41 1.50 8.14
N LEU B 308 -4.10 1.28 7.97
CA LEU B 308 -3.13 2.37 7.89
C LEU B 308 -3.43 3.29 6.70
N LYS B 309 -3.68 2.72 5.51
CA LYS B 309 -3.98 3.50 4.32
C LYS B 309 -5.07 4.55 4.53
N ASP B 310 -5.93 4.34 5.54
CA ASP B 310 -7.10 5.18 5.68
C ASP B 310 -6.90 6.19 6.79
N LEU B 311 -5.74 6.12 7.48
CA LEU B 311 -5.43 7.02 8.58
C LEU B 311 -4.78 8.27 8.01
N ASN B 312 -5.53 9.01 7.19
CA ASN B 312 -4.88 9.88 6.23
C ASN B 312 -4.38 11.14 6.95
N LEU B 313 -4.99 11.55 8.08
CA LEU B 313 -4.51 12.73 8.79
C LEU B 313 -3.19 12.42 9.51
N LEU B 314 -3.14 11.30 10.20
CA LEU B 314 -1.90 10.85 10.85
C LEU B 314 -0.83 10.72 9.77
N ASP B 315 -1.19 10.31 8.56
CA ASP B 315 -0.26 10.15 7.46
C ASP B 315 0.37 11.50 7.12
N ARG B 316 -0.46 12.54 7.04
CA ARG B 316 -0.02 13.88 6.72
C ARG B 316 0.70 14.49 7.91
N CYS B 317 0.43 14.01 9.12
CA CYS B 317 1.17 14.50 10.30
C CYS B 317 2.62 14.03 10.23
N ILE B 318 2.82 12.77 9.85
CA ILE B 318 4.15 12.22 9.61
C ILE B 318 4.82 12.98 8.47
N LYS B 319 4.05 13.35 7.46
CA LYS B 319 4.60 13.97 6.27
C LYS B 319 5.15 15.35 6.65
N GLU B 320 4.38 16.07 7.47
CA GLU B 320 4.70 17.42 7.88
C GLU B 320 5.88 17.42 8.85
N THR B 321 5.94 16.39 9.71
CA THR B 321 7.09 16.25 10.61
C THR B 321 8.37 16.05 9.81
N LEU B 322 8.35 15.11 8.86
CA LEU B 322 9.50 14.88 8.01
C LEU B 322 9.82 16.13 7.17
N ARG B 323 8.83 17.01 6.96
CA ARG B 323 9.11 18.23 6.21
C ARG B 323 9.93 19.18 7.07
N LEU B 324 9.48 19.40 8.31
CA LEU B 324 10.07 20.43 9.16
C LEU B 324 11.29 19.89 9.90
N ARG B 325 11.36 18.58 10.15
CA ARG B 325 12.46 18.01 10.91
C ARG B 325 12.92 16.72 10.24
N PRO B 326 13.39 16.77 8.98
CA PRO B 326 13.86 15.57 8.33
C PRO B 326 15.03 15.08 9.16
N PRO B 327 15.15 13.77 9.42
CA PRO B 327 16.29 13.26 10.19
C PRO B 327 17.57 13.33 9.39
N ILE B 328 17.47 13.40 8.05
CA ILE B 328 18.64 13.60 7.15
C ILE B 328 18.55 15.02 6.58
N MET B 329 19.38 15.92 7.09
CA MET B 329 19.37 17.35 6.71
C MET B 329 20.14 17.60 5.41
N ILE B 330 21.16 16.80 5.09
CA ILE B 330 22.01 17.02 3.88
C ILE B 330 22.42 15.70 3.26
N MET B 331 22.49 15.65 1.94
CA MET B 331 23.04 14.49 1.24
C MET B 331 24.22 14.95 0.39
N MET B 332 25.25 14.10 0.26
CA MET B 332 26.54 14.56 -0.21
C MET B 332 27.11 13.62 -1.27
N ARG B 333 27.68 14.24 -2.32
CA ARG B 333 28.34 13.54 -3.40
C ARG B 333 29.68 14.19 -3.73
N MET B 334 30.60 13.39 -4.26
CA MET B 334 31.85 13.92 -4.80
C MET B 334 31.76 13.98 -6.33
N ALA B 335 31.91 15.18 -6.91
CA ALA B 335 32.00 15.34 -8.36
C ALA B 335 33.30 14.70 -8.87
N ARG B 336 33.15 13.75 -9.79
CA ARG B 336 34.28 13.09 -10.39
C ARG B 336 34.50 13.62 -11.80
N THR B 337 33.43 14.12 -12.41
CA THR B 337 33.44 14.60 -13.77
C THR B 337 32.71 15.95 -13.77
N PRO B 338 33.06 16.90 -14.66
CA PRO B 338 32.44 18.22 -14.64
C PRO B 338 30.92 18.08 -14.78
N GLN B 339 30.20 19.00 -14.13
CA GLN B 339 28.75 19.00 -14.12
C GLN B 339 28.22 20.42 -14.18
N THR B 340 27.09 20.61 -14.87
CA THR B 340 26.54 21.93 -15.08
C THR B 340 25.12 21.99 -14.54
N VAL B 341 24.77 23.15 -13.98
CA VAL B 341 23.48 23.39 -13.38
C VAL B 341 23.36 24.91 -13.26
N ALA B 342 22.16 25.43 -13.54
CA ALA B 342 21.85 26.85 -13.37
C ALA B 342 22.85 27.74 -14.11
N GLY B 343 23.50 27.20 -15.15
CA GLY B 343 24.45 27.94 -15.97
C GLY B 343 25.89 27.81 -15.48
N TYR B 344 26.10 27.15 -14.34
CA TYR B 344 27.42 27.03 -13.75
C TYR B 344 28.02 25.67 -14.06
N THR B 345 29.34 25.62 -14.01
CA THR B 345 30.03 24.36 -14.17
C THR B 345 30.74 24.05 -12.86
N ILE B 346 30.34 22.92 -12.29
CA ILE B 346 30.98 22.36 -11.12
C ILE B 346 32.14 21.49 -11.60
N PRO B 347 33.38 21.81 -11.15
CA PRO B 347 34.55 21.02 -11.51
C PRO B 347 34.65 19.75 -10.68
N PRO B 348 35.33 18.71 -11.20
CA PRO B 348 35.76 17.59 -10.35
C PRO B 348 36.46 18.07 -9.09
N GLY B 349 36.13 17.45 -7.97
CA GLY B 349 36.76 17.75 -6.70
C GLY B 349 35.81 18.43 -5.74
N HIS B 350 34.87 19.23 -6.27
CA HIS B 350 33.80 19.79 -5.44
C HIS B 350 32.99 18.67 -4.77
N GLN B 351 32.72 18.85 -3.48
CA GLN B 351 31.70 18.07 -2.80
C GLN B 351 30.37 18.78 -3.08
N VAL B 352 29.41 18.05 -3.63
CA VAL B 352 28.13 18.61 -4.03
C VAL B 352 27.06 18.12 -3.05
N CYS B 353 26.19 19.03 -2.62
CA CYS B 353 25.30 18.75 -1.50
C CYS B 353 23.90 19.28 -1.75
N VAL B 354 22.87 18.58 -1.25
CA VAL B 354 21.52 19.11 -1.21
C VAL B 354 21.07 19.11 0.23
N SER B 355 20.05 19.92 0.55
CA SER B 355 19.51 19.96 1.90
C SER B 355 18.00 19.85 1.88
N PRO B 356 17.40 18.67 2.15
CA PRO B 356 15.97 18.55 2.30
C PRO B 356 15.39 19.56 3.28
N THR B 357 16.07 19.75 4.41
CA THR B 357 15.61 20.69 5.43
C THR B 357 15.36 22.05 4.78
N VAL B 358 16.33 22.49 3.97
CA VAL B 358 16.28 23.82 3.41
C VAL B 358 15.24 23.84 2.27
N ASN B 359 15.36 22.86 1.35
CA ASN B 359 14.40 22.73 0.27
C ASN B 359 12.97 22.77 0.82
N GLN B 360 12.74 22.13 1.96
CA GLN B 360 11.39 21.84 2.42
C GLN B 360 10.83 22.99 3.24
N ARG B 361 11.56 24.11 3.38
CA ARG B 361 10.98 25.30 3.99
C ARG B 361 11.39 26.55 3.21
N LEU B 362 11.77 26.36 1.94
CA LEU B 362 12.23 27.45 1.10
C LEU B 362 11.17 28.55 1.10
N LYS B 363 11.56 29.79 1.43
CA LYS B 363 10.65 30.92 1.57
C LYS B 363 9.78 31.10 0.32
N ASP B 364 10.35 30.82 -0.86
CA ASP B 364 9.64 31.04 -2.14
C ASP B 364 8.96 29.77 -2.63
N SER B 365 8.78 28.76 -1.80
CA SER B 365 8.06 27.55 -2.18
C SER B 365 6.92 27.32 -1.21
N TRP B 366 7.19 27.44 0.09
CA TRP B 366 6.36 26.87 1.13
C TRP B 366 5.62 27.96 1.86
N VAL B 367 4.29 27.99 1.73
CA VAL B 367 3.46 28.97 2.41
C VAL B 367 3.60 28.73 3.91
N GLU B 368 3.57 29.80 4.73
CA GLU B 368 3.76 29.68 6.20
C GLU B 368 4.79 28.56 6.42
N ARG B 369 5.99 28.70 5.88
CA ARG B 369 7.05 27.64 5.83
C ARG B 369 7.40 27.00 7.17
N LEU B 370 7.29 27.70 8.28
CA LEU B 370 7.74 27.15 9.55
C LEU B 370 6.59 26.64 10.40
N ASP B 371 5.34 26.83 9.96
CA ASP B 371 4.18 26.27 10.66
C ASP B 371 4.02 24.77 10.39
N PHE B 372 3.62 24.05 11.44
CA PHE B 372 3.22 22.64 11.35
C PHE B 372 1.76 22.57 10.88
N ASN B 373 1.56 22.43 9.57
CA ASN B 373 0.21 22.36 9.06
C ASN B 373 0.06 21.17 8.13
N PRO B 374 -0.49 20.02 8.59
CA PRO B 374 -0.54 18.85 7.73
C PRO B 374 -1.66 18.99 6.71
N ASP B 375 -2.52 20.00 6.88
CA ASP B 375 -3.55 20.28 5.88
C ASP B 375 -3.00 21.01 4.67
N ARG B 376 -1.70 21.36 4.67
CA ARG B 376 -1.12 22.04 3.53
C ARG B 376 -1.10 21.10 2.33
N TYR B 377 -1.24 19.79 2.54
CA TYR B 377 -1.15 18.89 1.41
C TYR B 377 -2.54 18.69 0.79
N LEU B 378 -3.56 19.38 1.34
CA LEU B 378 -4.93 19.32 0.82
C LEU B 378 -5.21 20.45 -0.16
N GLN B 379 -4.22 21.30 -0.41
CA GLN B 379 -4.27 22.21 -1.55
C GLN B 379 -2.94 22.03 -2.27
N ASP B 380 -2.76 22.64 -3.45
CA ASP B 380 -1.56 22.33 -4.20
C ASP B 380 -0.40 23.05 -3.52
N ASN B 381 0.76 22.39 -3.61
CA ASN B 381 1.87 22.53 -2.70
C ASN B 381 3.10 21.92 -3.39
N PRO B 382 4.32 22.28 -2.97
CA PRO B 382 5.53 21.88 -3.71
C PRO B 382 5.90 20.40 -3.63
N ALA B 383 5.22 19.66 -2.75
CA ALA B 383 5.55 18.26 -2.59
C ALA B 383 5.03 17.48 -3.79
N SER B 384 3.85 17.91 -4.27
CA SER B 384 3.19 17.37 -5.45
C SER B 384 3.56 18.17 -6.71
N GLY B 385 3.59 19.50 -6.56
CA GLY B 385 3.76 20.39 -7.70
C GLY B 385 5.21 20.76 -8.02
N GLU B 386 6.19 20.10 -7.37
CA GLU B 386 7.60 20.17 -7.78
C GLU B 386 8.24 18.80 -7.62
N LYS B 387 9.28 18.53 -8.37
CA LYS B 387 9.88 17.21 -8.31
C LYS B 387 10.70 17.00 -7.03
N PHE B 388 11.41 18.03 -6.55
CA PHE B 388 12.42 17.87 -5.50
C PHE B 388 12.40 18.96 -4.43
N ALA B 389 11.23 19.52 -4.13
CA ALA B 389 11.10 20.45 -3.01
C ALA B 389 10.86 19.72 -1.67
N TYR B 390 10.35 18.47 -1.72
CA TYR B 390 10.09 17.63 -0.56
C TYR B 390 10.81 16.32 -0.80
N VAL B 391 11.95 16.07 -0.12
CA VAL B 391 12.77 14.92 -0.49
C VAL B 391 13.33 14.21 0.73
N PRO B 392 12.54 13.94 1.81
CA PRO B 392 13.09 13.46 3.07
C PRO B 392 13.68 12.06 2.95
N PHE B 393 13.21 11.31 1.94
CA PHE B 393 13.70 9.97 1.65
C PHE B 393 14.54 9.97 0.36
N GLY B 394 14.89 11.16 -0.14
CA GLY B 394 15.81 11.27 -1.26
C GLY B 394 15.09 11.17 -2.61
N ALA B 395 15.85 10.77 -3.65
CA ALA B 395 15.35 10.54 -5.00
C ALA B 395 16.46 9.93 -5.85
N GLY B 396 16.10 9.36 -7.01
CA GLY B 396 17.07 8.80 -7.95
C GLY B 396 17.71 7.53 -7.43
N ARG B 397 18.88 7.16 -8.00
CA ARG B 397 19.52 5.87 -7.79
C ARG B 397 19.99 5.66 -6.35
N HIS B 398 19.86 6.67 -5.50
CA HIS B 398 20.39 6.57 -4.15
C HIS B 398 19.30 6.67 -3.09
N ARG B 399 18.02 6.60 -3.50
CA ARG B 399 16.91 6.92 -2.62
C ARG B 399 16.61 5.73 -1.70
N CYS B 400 15.68 5.97 -0.76
CA CYS B 400 15.44 5.10 0.37
C CYS B 400 14.65 3.87 -0.07
N ILE B 401 15.09 2.67 0.32
CA ILE B 401 14.29 1.47 0.10
C ILE B 401 13.26 1.27 1.21
N GLY B 402 13.32 2.04 2.30
CA GLY B 402 12.63 1.69 3.53
C GLY B 402 11.56 2.69 3.94
N GLU B 403 11.13 3.54 2.99
CA GLU B 403 10.11 4.52 3.31
C GLU B 403 8.85 3.86 3.84
N ASN B 404 8.46 2.74 3.23
CA ASN B 404 7.19 2.10 3.52
C ASN B 404 7.18 1.48 4.90
N PHE B 405 8.24 0.71 5.17
CA PHE B 405 8.46 0.20 6.50
C PHE B 405 8.46 1.35 7.51
N ALA B 406 9.19 2.41 7.19
CA ALA B 406 9.31 3.56 8.08
C ALA B 406 7.93 4.06 8.49
N TYR B 407 7.02 4.18 7.52
CA TYR B 407 5.68 4.73 7.75
C TYR B 407 4.80 3.76 8.54
N VAL B 408 4.98 2.46 8.28
CA VAL B 408 4.28 1.44 9.04
C VAL B 408 4.63 1.56 10.53
N GLN B 409 5.94 1.64 10.84
CA GLN B 409 6.44 1.71 12.20
C GLN B 409 5.95 2.97 12.93
N ILE B 410 6.03 4.10 12.28
CA ILE B 410 5.71 5.35 12.94
C ILE B 410 4.20 5.49 13.10
N LYS B 411 3.43 5.06 12.08
CA LYS B 411 1.98 5.11 12.23
C LYS B 411 1.50 4.20 13.35
N THR B 412 2.10 3.00 13.40
CA THR B 412 1.64 1.99 14.33
C THR B 412 2.01 2.38 15.76
N ILE B 413 3.25 2.81 15.96
CA ILE B 413 3.68 3.33 17.24
C ILE B 413 2.79 4.49 17.66
N TRP B 414 2.56 5.44 16.77
CA TRP B 414 1.82 6.62 17.18
C TRP B 414 0.32 6.39 17.29
N SER B 415 -0.20 5.41 16.53
CA SER B 415 -1.60 5.04 16.68
C SER B 415 -1.78 4.52 18.10
N THR B 416 -0.94 3.52 18.44
CA THR B 416 -0.95 2.90 19.75
C THR B 416 -0.82 3.96 20.85
N MET B 417 0.11 4.90 20.66
CA MET B 417 0.50 5.85 21.70
C MET B 417 -0.63 6.84 21.97
N LEU B 418 -1.32 7.28 20.93
CA LEU B 418 -2.45 8.18 21.09
C LEU B 418 -3.59 7.49 21.84
N ARG B 419 -3.72 6.16 21.67
CA ARG B 419 -4.76 5.38 22.32
C ARG B 419 -4.45 5.26 23.81
N LEU B 420 -3.18 5.08 24.16
CA LEU B 420 -2.75 5.05 25.55
C LEU B 420 -2.91 6.42 26.20
N TYR B 421 -2.29 7.45 25.61
CA TYR B 421 -2.11 8.72 26.30
C TYR B 421 -2.52 9.93 25.49
N GLU B 422 -2.85 10.98 26.26
CA GLU B 422 -2.97 12.36 25.82
C GLU B 422 -1.71 13.09 26.24
N PHE B 423 -1.01 13.73 25.26
CA PHE B 423 0.29 14.36 25.47
C PHE B 423 0.21 15.89 25.51
N ASP B 424 1.07 16.50 26.32
CA ASP B 424 1.09 17.94 26.43
C ASP B 424 2.52 18.45 26.62
N LEU B 425 2.72 19.73 26.29
CA LEU B 425 3.98 20.43 26.55
C LEU B 425 4.08 20.78 28.03
N ILE B 426 5.31 21.03 28.49
CA ILE B 426 5.54 21.41 29.88
C ILE B 426 5.82 22.90 30.00
N ASP B 427 4.83 23.64 30.49
CA ASP B 427 4.88 25.08 30.65
C ASP B 427 5.21 25.73 29.32
N GLY B 428 4.56 25.29 28.24
CA GLY B 428 4.64 25.97 26.95
C GLY B 428 5.94 25.69 26.20
N TYR B 429 6.84 24.83 26.72
CA TYR B 429 8.16 24.69 26.12
C TYR B 429 8.08 23.83 24.89
N PHE B 430 8.53 24.36 23.75
CA PHE B 430 8.64 23.58 22.53
C PHE B 430 10.11 23.32 22.21
N PRO B 431 10.57 22.07 22.20
CA PRO B 431 11.96 21.74 21.87
C PRO B 431 12.58 22.49 20.69
N THR B 432 13.77 23.04 20.97
CA THR B 432 14.65 23.58 19.96
C THR B 432 15.46 22.45 19.32
N VAL B 433 16.15 22.76 18.22
CA VAL B 433 16.91 21.76 17.50
C VAL B 433 18.29 21.60 18.15
N ASN B 434 18.73 20.34 18.26
CA ASN B 434 20.04 20.01 18.79
C ASN B 434 20.91 19.54 17.64
N TYR B 435 21.95 20.32 17.31
CA TYR B 435 22.77 20.08 16.14
C TYR B 435 24.02 19.26 16.49
N THR B 436 24.02 18.61 17.67
CA THR B 436 25.08 17.74 18.12
C THR B 436 25.55 16.84 16.98
N THR B 437 24.62 16.04 16.44
CA THR B 437 24.86 15.20 15.28
C THR B 437 24.19 15.81 14.06
N MET B 438 24.33 15.16 12.91
CA MET B 438 23.75 15.62 11.67
C MET B 438 22.33 15.08 11.53
N ILE B 439 21.88 14.33 12.55
CA ILE B 439 20.49 13.90 12.68
C ILE B 439 19.85 14.75 13.78
N HIS B 440 19.09 15.77 13.40
CA HIS B 440 18.63 16.77 14.34
C HIS B 440 17.64 16.17 15.34
N THR B 441 18.00 16.20 16.61
CA THR B 441 17.17 15.61 17.64
C THR B 441 16.51 16.76 18.38
N PRO B 442 15.39 16.52 19.10
CA PRO B 442 14.72 17.58 19.87
C PRO B 442 15.40 17.89 21.20
N GLU B 443 15.48 19.18 21.54
CA GLU B 443 16.15 19.61 22.76
C GLU B 443 15.21 19.45 23.95
N ASN B 444 15.71 18.80 25.01
CA ASN B 444 14.96 18.64 26.25
C ASN B 444 13.63 17.95 25.95
N PRO B 445 13.68 16.72 25.36
CA PRO B 445 12.50 16.06 24.82
C PRO B 445 11.62 15.37 25.87
N VAL B 446 11.21 16.17 26.87
CA VAL B 446 10.38 15.68 27.95
C VAL B 446 8.96 16.15 27.68
N ILE B 447 8.02 15.20 27.69
CA ILE B 447 6.62 15.41 27.33
C ILE B 447 5.76 15.06 28.54
N ARG B 448 4.69 15.82 28.77
CA ARG B 448 3.72 15.48 29.81
C ARG B 448 2.65 14.58 29.20
N TYR B 449 2.22 13.57 29.98
CA TYR B 449 1.29 12.58 29.46
C TYR B 449 0.33 12.13 30.55
N LYS B 450 -0.93 11.89 30.15
CA LYS B 450 -1.91 11.21 31.01
C LYS B 450 -2.73 10.22 30.19
N ARG B 451 -3.27 9.26 30.92
CA ARG B 451 -4.09 8.17 30.38
C ARG B 451 -5.24 8.77 29.56
N ARG B 452 -5.42 8.18 28.37
CA ARG B 452 -6.45 8.55 27.41
C ARG B 452 -7.75 7.86 27.83
N SER B 453 -8.86 8.63 27.75
CA SER B 453 -10.20 8.09 27.91
C SER B 453 -10.32 7.31 29.22
#